data_3FNM
#
_entry.id   3FNM
#
_cell.length_a   54.711
_cell.length_b   105.376
_cell.length_c   91.927
_cell.angle_alpha   90.00
_cell.angle_beta   91.69
_cell.angle_gamma   90.00
#
_symmetry.space_group_name_H-M   'P 1 21 1'
#
loop_
_entity.id
_entity.type
_entity.pdbx_description
1 polymer 'Gamma-glutamyltranspeptidase (Ggt) Large subunit'
2 polymer 'Gamma-glutamyltranspeptidase (Ggt) Small subunit'
3 non-polymer '(2S)-AMINO[(5S)-3-CHLORO-4,5-DIHYDROISOXAZOL-5-YL]ACETIC ACID'
4 water water
#
loop_
_entity_poly.entity_id
_entity_poly.type
_entity_poly.pdbx_seq_one_letter_code
_entity_poly.pdbx_strand_id
1 'polypeptide(L)'
;MGSSHHHHHHSSGLVPRGSHMASAASYPPIKNTKVGLALSSHPLASEIGQKVLEEGGNAIDAAVAIGFALAVVHPAAGNI
GGGGFAVIHLANGENVALDFREKAPLKATKNMFLDKQGNVVPKLSEDGYLAAGVPGTVAGMEAMLKKYGTKKLSQLIDPA
IKLAENGYAISQRQAETLKEARERFLKYSSSKKYFFKKGHLDYQEGDLFVQKDLAKTLNQIKTLGAKGFYQGQVAELIEK
DMKKNGGIITKEDLASYNVKWRKPVVGSYRGYKIISMSPPSSGGTHLIQILNVMENADLSALGYGASKNIHIAAEAMRQA
YADRSVYMGDADFVSVPVDKLINKAYAKKIFDTIQPDTVTPSSQIKPGMGQLHEGSN
;
A,C
2 'polypeptide(L)'
;TTHYSVADRWGNAVSVTYTINASYGSAASIDGAGFLLNNEMDDFSIKPGNPNLYGLVGGDANAIEANKRPLSSMSPTIVL
KNNKVFLVVGSPGGSRIITTVLQVISNVIDYNMNISEAVSAPRFHMQWLPDELRIEKFGMPADVKDNLTKMGYQIVTKPV
MGDVNAIQVLPKTKGSVFYGSTDPRKEF
;
B,D
#
# COMPACT_ATOMS: atom_id res chain seq x y z
N PRO A 29 -5.87 -2.05 6.95
CA PRO A 29 -6.74 -0.88 6.79
C PRO A 29 -6.74 0.03 8.03
N ILE A 30 -7.26 1.26 7.86
CA ILE A 30 -7.71 2.14 8.95
C ILE A 30 -8.72 1.35 9.80
N LYS A 31 -8.75 1.57 11.12
CA LYS A 31 -9.64 0.79 11.98
C LYS A 31 -10.34 1.64 13.06
N ASN A 32 -11.61 1.33 13.31
CA ASN A 32 -12.34 1.92 14.43
C ASN A 32 -13.33 0.91 15.01
N THR A 33 -13.42 0.86 16.33
CA THR A 33 -14.29 -0.11 17.00
C THR A 33 -15.26 0.58 17.98
N LYS A 34 -15.32 1.92 17.92
CA LYS A 34 -16.19 2.66 18.82
C LYS A 34 -17.22 3.54 18.10
N VAL A 35 -16.75 4.58 17.42
CA VAL A 35 -17.63 5.60 16.84
C VAL A 35 -17.79 5.50 15.33
N GLY A 36 -17.06 4.59 14.69
CA GLY A 36 -17.10 4.49 13.22
C GLY A 36 -15.98 5.25 12.52
N LEU A 37 -16.13 5.49 11.22
CA LEU A 37 -15.14 6.16 10.37
C LEU A 37 -15.77 7.23 9.47
N ALA A 38 -15.02 8.31 9.22
CA ALA A 38 -15.36 9.36 8.26
C ALA A 38 -14.12 9.54 7.40
N LEU A 39 -14.21 9.12 6.15
CA LEU A 39 -13.03 9.03 5.26
C LEU A 39 -13.21 9.89 4.01
N SER A 40 -12.24 10.75 3.76
CA SER A 40 -12.22 11.58 2.55
C SER A 40 -10.84 11.61 1.94
N SER A 41 -10.71 12.34 0.82
CA SER A 41 -9.44 12.49 0.12
C SER A 41 -8.53 13.57 0.71
N HIS A 42 -8.94 14.22 1.81
CA HIS A 42 -8.07 15.21 2.46
C HIS A 42 -8.01 14.96 3.95
N PRO A 43 -6.80 14.72 4.49
CA PRO A 43 -6.68 14.41 5.93
C PRO A 43 -7.29 15.46 6.87
N LEU A 44 -7.25 16.75 6.51
CA LEU A 44 -7.84 17.75 7.41
C LEU A 44 -9.36 17.57 7.46
N ALA A 45 -9.96 17.30 6.30
CA ALA A 45 -11.40 17.10 6.22
C ALA A 45 -11.83 15.79 6.90
N SER A 46 -11.05 14.73 6.71
CA SER A 46 -11.33 13.45 7.40
C SER A 46 -11.26 13.63 8.90
N GLU A 47 -10.22 14.34 9.36
CA GLU A 47 -10.03 14.59 10.79
C GLU A 47 -11.23 15.36 11.35
N ILE A 48 -11.73 16.32 10.57
CA ILE A 48 -12.89 17.07 10.99
C ILE A 48 -14.13 16.18 11.12
N GLY A 49 -14.35 15.30 10.13
CA GLY A 49 -15.48 14.37 10.17
C GLY A 49 -15.35 13.37 11.32
N GLN A 50 -14.12 12.94 11.57
CA GLN A 50 -13.86 11.93 12.60
C GLN A 50 -14.15 12.52 13.98
N LYS A 51 -13.74 13.77 14.20
CA LYS A 51 -13.99 14.52 15.43
C LYS A 51 -15.51 14.61 15.72
N VAL A 52 -16.29 14.94 14.69
CA VAL A 52 -17.75 14.96 14.81
C VAL A 52 -18.27 13.63 15.35
N LEU A 53 -17.78 12.52 14.78
CA LEU A 53 -18.13 11.20 15.33
C LEU A 53 -17.69 11.00 16.77
N GLU A 54 -16.46 11.40 17.08
CA GLU A 54 -15.92 11.26 18.45
C GLU A 54 -16.73 12.07 19.46
N GLU A 55 -17.29 13.19 18.99
CA GLU A 55 -18.00 14.11 19.84
C GLU A 55 -19.51 13.83 19.91
N GLY A 56 -19.93 12.69 19.35
CA GLY A 56 -21.30 12.22 19.47
C GLY A 56 -22.23 12.53 18.32
N GLY A 57 -21.69 13.09 17.23
CA GLY A 57 -22.50 13.35 16.04
C GLY A 57 -22.77 12.05 15.30
N ASN A 58 -23.80 12.03 14.44
CA ASN A 58 -24.05 10.83 13.64
C ASN A 58 -23.36 10.91 12.29
N ALA A 59 -23.54 9.90 11.45
CA ALA A 59 -22.90 9.87 10.13
C ALA A 59 -23.26 11.06 9.24
N ILE A 60 -24.49 11.56 9.36
CA ILE A 60 -24.94 12.70 8.53
C ILE A 60 -24.27 13.99 9.02
N ASP A 61 -24.22 14.15 10.35
CA ASP A 61 -23.49 15.28 10.95
C ASP A 61 -22.05 15.34 10.41
N ALA A 62 -21.34 14.23 10.51
CA ALA A 62 -19.94 14.19 10.06
C ALA A 62 -19.88 14.50 8.55
N ALA A 63 -20.79 13.93 7.78
CA ALA A 63 -20.77 14.16 6.31
C ALA A 63 -20.99 15.64 5.93
N VAL A 64 -21.83 16.35 6.69
CA VAL A 64 -22.04 17.79 6.45
C VAL A 64 -20.75 18.56 6.77
N ALA A 65 -20.13 18.25 7.90
CA ALA A 65 -18.88 18.89 8.26
C ALA A 65 -17.80 18.64 7.19
N ILE A 66 -17.69 17.40 6.74
CA ILE A 66 -16.76 17.08 5.64
C ILE A 66 -17.06 17.83 4.35
N GLY A 67 -18.34 17.94 3.99
CA GLY A 67 -18.69 18.60 2.72
C GLY A 67 -18.26 20.06 2.69
N PHE A 68 -18.44 20.77 3.81
CA PHE A 68 -17.92 22.13 3.92
C PHE A 68 -16.40 22.20 4.07
N ALA A 69 -15.81 21.27 4.82
CA ALA A 69 -14.34 21.26 4.96
C ALA A 69 -13.67 21.12 3.60
N LEU A 70 -14.14 20.17 2.79
CA LEU A 70 -13.52 19.92 1.50
C LEU A 70 -13.67 21.08 0.54
N ALA A 71 -14.74 21.88 0.72
CA ALA A 71 -14.92 23.14 -0.07
C ALA A 71 -13.81 24.17 0.14
N VAL A 72 -13.05 23.99 1.22
CA VAL A 72 -12.00 24.90 1.61
C VAL A 72 -10.65 24.28 1.29
N VAL A 73 -10.49 23.02 1.69
CA VAL A 73 -9.18 22.34 1.62
C VAL A 73 -8.89 21.58 0.33
N HIS A 74 -9.93 21.35 -0.48
CA HIS A 74 -9.79 20.56 -1.71
C HIS A 74 -10.53 21.25 -2.84
N PRO A 75 -10.17 22.53 -3.14
CA PRO A 75 -10.99 23.30 -4.09
C PRO A 75 -10.98 22.78 -5.54
N ALA A 76 -10.08 21.86 -5.86
CA ALA A 76 -10.17 21.22 -7.19
C ALA A 76 -11.48 20.44 -7.38
N ALA A 77 -12.08 20.02 -6.26
CA ALA A 77 -13.16 19.02 -6.27
C ALA A 77 -14.21 19.28 -5.19
N GLY A 78 -13.77 19.40 -3.94
CA GLY A 78 -14.65 19.89 -2.86
C GLY A 78 -15.11 21.30 -3.19
N ASN A 79 -16.29 21.66 -2.72
CA ASN A 79 -16.94 22.83 -3.28
C ASN A 79 -18.16 23.31 -2.55
N ILE A 80 -18.48 24.59 -2.75
CA ILE A 80 -19.86 25.00 -2.55
C ILE A 80 -20.48 25.48 -3.89
N GLY A 81 -19.66 25.55 -4.94
CA GLY A 81 -20.12 26.00 -6.27
C GLY A 81 -20.57 24.91 -7.23
N GLY A 82 -20.68 23.69 -6.73
CA GLY A 82 -21.09 22.55 -7.54
C GLY A 82 -22.27 21.79 -6.98
N GLY A 83 -22.22 20.47 -7.05
CA GLY A 83 -23.32 19.66 -6.57
C GLY A 83 -22.95 18.20 -6.50
N GLY A 84 -23.93 17.36 -6.21
CA GLY A 84 -23.63 15.94 -6.05
C GLY A 84 -24.78 15.11 -5.54
N PHE A 85 -24.45 13.94 -4.99
CA PHE A 85 -25.44 12.99 -4.50
C PHE A 85 -25.02 12.43 -3.18
N ALA A 86 -26.01 12.10 -2.37
CA ALA A 86 -25.75 11.32 -1.15
C ALA A 86 -26.65 10.10 -1.14
N VAL A 87 -26.07 8.93 -0.88
CA VAL A 87 -26.84 7.71 -0.65
C VAL A 87 -26.68 7.41 0.82
N ILE A 88 -27.82 7.22 1.49
CA ILE A 88 -27.88 7.11 2.94
C ILE A 88 -28.62 5.84 3.36
N HIS A 89 -27.98 5.06 4.22
CA HIS A 89 -28.69 3.97 4.90
C HIS A 89 -28.87 4.41 6.35
N LEU A 90 -30.12 4.39 6.83
CA LEU A 90 -30.44 4.89 8.14
C LEU A 90 -30.46 3.74 9.10
N ALA A 91 -30.17 4.06 10.36
CA ALA A 91 -30.22 3.12 11.47
C ALA A 91 -31.48 2.25 11.49
N ASN A 92 -32.62 2.84 11.07
CA ASN A 92 -33.87 2.12 11.13
C ASN A 92 -34.13 1.17 9.97
N GLY A 93 -33.21 1.10 9.02
CA GLY A 93 -33.34 0.20 7.89
C GLY A 93 -33.69 0.85 6.57
N GLU A 94 -34.16 2.10 6.64
CA GLU A 94 -34.53 2.85 5.42
C GLU A 94 -33.32 3.21 4.58
N ASN A 95 -33.50 3.19 3.26
CA ASN A 95 -32.44 3.61 2.31
C ASN A 95 -32.96 4.77 1.46
N VAL A 96 -32.21 5.87 1.46
CA VAL A 96 -32.65 7.07 0.72
C VAL A 96 -31.52 7.67 -0.10
N ALA A 97 -31.89 8.44 -1.12
CA ALA A 97 -30.92 9.13 -1.95
C ALA A 97 -31.27 10.62 -1.98
N LEU A 98 -30.24 11.44 -1.92
CA LEU A 98 -30.40 12.87 -2.02
C LEU A 98 -29.74 13.35 -3.30
N ASP A 99 -30.57 13.91 -4.17
CA ASP A 99 -30.14 14.57 -5.38
C ASP A 99 -29.93 16.05 -5.06
N PHE A 100 -28.66 16.45 -5.00
CA PHE A 100 -28.33 17.89 -4.99
C PHE A 100 -27.45 18.24 -6.16
N ARG A 101 -27.78 17.62 -7.29
CA ARG A 101 -27.17 17.92 -8.59
C ARG A 101 -27.54 19.31 -9.12
N GLU A 102 -26.60 19.95 -9.81
CA GLU A 102 -26.87 21.28 -10.37
C GLU A 102 -28.00 21.20 -11.39
N LYS A 103 -28.69 22.32 -11.56
CA LYS A 103 -29.74 22.44 -12.60
C LYS A 103 -29.27 23.37 -13.72
N ALA A 104 -29.71 23.07 -14.94
CA ALA A 104 -29.51 24.01 -16.02
C ALA A 104 -30.25 25.30 -15.62
N PRO A 105 -29.62 26.50 -15.84
CA PRO A 105 -30.37 27.74 -15.53
C PRO A 105 -31.69 27.89 -16.32
N LEU A 106 -32.55 28.78 -15.85
CA LEU A 106 -33.84 29.05 -16.50
C LEU A 106 -33.68 29.50 -17.95
N LYS A 107 -32.55 30.16 -18.23
CA LYS A 107 -32.25 30.69 -19.56
C LYS A 107 -31.50 29.71 -20.45
N ALA A 108 -31.15 28.53 -19.91
CA ALA A 108 -30.47 27.47 -20.65
C ALA A 108 -31.32 27.03 -21.84
N THR A 109 -30.65 26.66 -22.93
CA THR A 109 -31.36 26.16 -24.13
C THR A 109 -30.55 25.02 -24.75
N LYS A 110 -31.26 24.12 -25.43
CA LYS A 110 -30.68 22.97 -26.13
C LYS A 110 -29.37 23.25 -26.89
N ASN A 111 -29.34 24.29 -27.72
CA ASN A 111 -28.15 24.58 -28.53
C ASN A 111 -27.29 25.72 -28.02
N MET A 112 -27.33 25.98 -26.71
CA MET A 112 -26.63 27.14 -26.13
C MET A 112 -25.11 27.14 -26.30
N PHE A 113 -24.53 25.96 -26.53
CA PHE A 113 -23.07 25.83 -26.73
C PHE A 113 -22.65 25.68 -28.19
N LEU A 114 -23.58 25.93 -29.12
CA LEU A 114 -23.27 25.81 -30.53
C LEU A 114 -23.22 27.18 -31.20
N ASP A 115 -22.52 27.25 -32.33
CA ASP A 115 -22.38 28.49 -33.09
C ASP A 115 -23.50 28.63 -34.12
N LYS A 116 -23.39 29.64 -35.00
CA LYS A 116 -24.32 29.86 -36.10
C LYS A 116 -24.54 28.58 -36.92
N GLN A 117 -23.45 27.93 -37.31
CA GLN A 117 -23.49 26.74 -38.16
C GLN A 117 -23.79 25.42 -37.45
N GLY A 118 -24.17 25.50 -36.17
CA GLY A 118 -24.60 24.33 -35.41
C GLY A 118 -23.42 23.54 -34.90
N ASN A 119 -22.26 24.20 -34.85
CA ASN A 119 -21.02 23.55 -34.42
C ASN A 119 -20.63 23.99 -33.02
N VAL A 120 -20.11 23.03 -32.24
CA VAL A 120 -19.65 23.26 -30.88
C VAL A 120 -18.69 24.45 -30.81
N VAL A 121 -18.94 25.33 -29.86
CA VAL A 121 -18.04 26.45 -29.58
C VAL A 121 -16.97 25.96 -28.62
N PRO A 122 -15.72 25.85 -29.09
CA PRO A 122 -14.65 25.26 -28.27
C PRO A 122 -14.54 25.91 -26.88
N LYS A 123 -14.56 25.05 -25.86
CA LYS A 123 -14.47 25.40 -24.42
C LYS A 123 -15.65 26.17 -23.80
N LEU A 124 -16.70 26.46 -24.56
CA LEU A 124 -17.85 27.19 -24.02
C LEU A 124 -18.53 26.39 -22.91
N SER A 125 -18.57 25.06 -23.05
CA SER A 125 -19.17 24.20 -22.03
C SER A 125 -18.22 23.84 -20.88
N GLU A 126 -16.96 24.27 -20.97
CA GLU A 126 -15.92 23.88 -20.02
C GLU A 126 -15.30 25.00 -19.21
N ASP A 127 -14.98 26.12 -19.86
CA ASP A 127 -14.26 27.21 -19.20
C ASP A 127 -15.18 28.42 -19.07
N GLY A 128 -15.34 28.92 -17.84
CA GLY A 128 -16.03 30.19 -17.61
C GLY A 128 -17.47 30.09 -17.15
N TYR A 129 -18.17 31.22 -17.21
CA TYR A 129 -19.41 31.36 -16.45
C TYR A 129 -20.61 30.65 -17.06
N LEU A 130 -20.63 30.54 -18.38
CA LEU A 130 -21.71 29.82 -19.06
C LEU A 130 -21.68 28.30 -18.87
N ALA A 131 -20.55 27.76 -18.39
CA ALA A 131 -20.40 26.32 -18.23
C ALA A 131 -21.09 25.84 -16.95
N ALA A 132 -21.53 26.79 -16.13
CA ALA A 132 -22.04 26.46 -14.77
C ALA A 132 -23.52 26.13 -14.71
N GLY A 133 -23.87 25.10 -13.93
CA GLY A 133 -25.28 24.88 -13.57
C GLY A 133 -25.52 25.55 -12.22
N VAL A 134 -26.78 25.75 -11.87
CA VAL A 134 -27.15 26.32 -10.56
C VAL A 134 -26.64 25.41 -9.43
N PRO A 135 -25.71 25.91 -8.58
CA PRO A 135 -25.12 25.09 -7.52
C PRO A 135 -26.08 24.50 -6.49
N GLY A 136 -25.86 23.22 -6.20
CA GLY A 136 -26.71 22.49 -5.28
C GLY A 136 -26.08 22.06 -3.97
N THR A 137 -24.75 22.07 -3.89
CA THR A 137 -24.06 21.58 -2.70
C THR A 137 -24.60 22.18 -1.40
N VAL A 138 -24.71 23.50 -1.30
CA VAL A 138 -25.16 24.08 -0.01
C VAL A 138 -26.57 23.63 0.38
N ALA A 139 -27.48 23.63 -0.58
CA ALA A 139 -28.85 23.14 -0.31
C ALA A 139 -28.79 21.69 0.12
N GLY A 140 -27.94 20.90 -0.55
CA GLY A 140 -27.79 19.46 -0.26
C GLY A 140 -27.30 19.22 1.17
N MET A 141 -26.27 19.98 1.58
CA MET A 141 -25.74 19.84 2.96
C MET A 141 -26.80 20.18 4.01
N GLU A 142 -27.50 21.30 3.81
CA GLU A 142 -28.55 21.71 4.74
C GLU A 142 -29.73 20.72 4.77
N ALA A 143 -30.09 20.17 3.59
CA ALA A 143 -31.20 19.21 3.47
C ALA A 143 -30.95 17.96 4.28
N MET A 144 -29.78 17.38 4.08
CA MET A 144 -29.52 16.14 4.79
C MET A 144 -29.39 16.41 6.28
N LEU A 145 -28.84 17.56 6.64
CA LEU A 145 -28.66 17.90 8.05
C LEU A 145 -29.98 18.06 8.76
N LYS A 146 -30.87 18.82 8.13
CA LYS A 146 -32.20 19.08 8.70
C LYS A 146 -33.02 17.81 8.86
N LYS A 147 -32.97 16.91 7.88
CA LYS A 147 -33.80 15.71 7.91
C LYS A 147 -33.26 14.60 8.79
N TYR A 148 -31.94 14.42 8.82
CA TYR A 148 -31.36 13.23 9.46
C TYR A 148 -30.22 13.51 10.45
N GLY A 149 -29.72 14.75 10.50
CA GLY A 149 -28.61 15.08 11.41
C GLY A 149 -29.08 15.35 12.83
N THR A 150 -28.14 15.71 13.71
CA THR A 150 -28.46 15.96 15.12
C THR A 150 -27.72 17.19 15.70
N LYS A 151 -26.74 17.69 14.96
CA LYS A 151 -25.95 18.83 15.41
C LYS A 151 -26.34 20.03 14.57
N LYS A 152 -26.07 21.23 15.08
CA LYS A 152 -26.40 22.46 14.37
C LYS A 152 -25.41 22.72 13.24
N LEU A 153 -25.92 23.20 12.11
CA LEU A 153 -25.07 23.60 10.99
C LEU A 153 -24.00 24.58 11.45
N SER A 154 -24.41 25.51 12.32
CA SER A 154 -23.53 26.53 12.82
C SER A 154 -22.24 25.92 13.36
N GLN A 155 -22.36 24.78 14.05
CA GLN A 155 -21.21 24.09 14.64
C GLN A 155 -20.43 23.25 13.65
N LEU A 156 -21.13 22.55 12.76
CA LEU A 156 -20.50 21.66 11.77
C LEU A 156 -19.67 22.42 10.74
N ILE A 157 -20.01 23.69 10.55
CA ILE A 157 -19.36 24.54 9.52
C ILE A 157 -18.18 25.34 10.09
N ASP A 158 -18.14 25.50 11.42
CA ASP A 158 -17.04 26.22 12.08
C ASP A 158 -15.63 25.72 11.68
N PRO A 159 -15.40 24.39 11.67
CA PRO A 159 -14.06 23.97 11.23
C PRO A 159 -13.68 24.41 9.81
N ALA A 160 -14.63 24.41 8.89
CA ALA A 160 -14.37 24.90 7.51
C ALA A 160 -14.00 26.38 7.55
N ILE A 161 -14.79 27.14 8.31
CA ILE A 161 -14.62 28.60 8.42
C ILE A 161 -13.21 28.91 8.93
N LYS A 162 -12.83 28.20 9.98
CA LYS A 162 -11.51 28.36 10.58
C LYS A 162 -10.40 28.15 9.53
N LEU A 163 -10.50 27.07 8.75
CA LEU A 163 -9.55 26.79 7.66
C LEU A 163 -9.54 27.85 6.56
N ALA A 164 -10.68 28.45 6.25
CA ALA A 164 -10.71 29.52 5.25
C ALA A 164 -10.06 30.81 5.80
N GLU A 165 -10.46 31.20 7.01
N GLU A 165 -10.46 31.19 7.01
CA GLU A 165 -9.95 32.42 7.65
CA GLU A 165 -9.96 32.41 7.67
C GLU A 165 -8.46 32.33 8.01
C GLU A 165 -8.48 32.33 8.03
N ASN A 166 -8.06 31.19 8.56
CA ASN A 166 -6.70 31.03 9.07
C ASN A 166 -5.73 30.40 8.10
N GLY A 167 -6.27 29.65 7.14
CA GLY A 167 -5.43 29.06 6.13
C GLY A 167 -5.00 27.64 6.40
N TYR A 168 -4.48 27.01 5.35
CA TYR A 168 -3.89 25.69 5.42
C TYR A 168 -2.76 25.55 4.40
N ALA A 169 -1.93 24.53 4.59
CA ALA A 169 -0.76 24.36 3.78
C ALA A 169 -1.09 23.67 2.47
N ILE A 170 -0.70 24.30 1.36
CA ILE A 170 -0.80 23.69 0.03
C ILE A 170 0.00 22.38 0.02
N SER A 171 -0.62 21.28 -0.41
CA SER A 171 0.08 19.98 -0.44
C SER A 171 0.86 19.82 -1.73
N GLN A 172 1.63 18.74 -1.81
CA GLN A 172 2.42 18.42 -3.00
C GLN A 172 1.49 18.24 -4.19
N ARG A 173 0.46 17.41 -4.02
CA ARG A 173 -0.51 17.13 -5.08
C ARG A 173 -1.24 18.41 -5.52
N GLN A 174 -1.65 19.23 -4.54
CA GLN A 174 -2.34 20.48 -4.81
C GLN A 174 -1.49 21.45 -5.58
N ALA A 175 -0.19 21.50 -5.24
CA ALA A 175 0.71 22.33 -6.00
C ALA A 175 0.69 21.90 -7.48
N GLU A 176 0.66 20.59 -7.72
CA GLU A 176 0.63 20.04 -9.09
C GLU A 176 -0.67 20.38 -9.83
N THR A 177 -1.80 20.18 -9.15
CA THR A 177 -3.09 20.39 -9.81
C THR A 177 -3.33 21.88 -10.05
N LEU A 178 -2.89 22.74 -9.11
CA LEU A 178 -3.01 24.19 -9.29
C LEU A 178 -2.14 24.66 -10.46
N LYS A 179 -0.92 24.14 -10.53
CA LYS A 179 0.00 24.41 -11.66
C LYS A 179 -0.67 24.07 -13.00
N GLU A 180 -1.32 22.90 -13.06
CA GLU A 180 -1.98 22.46 -14.27
C GLU A 180 -3.15 23.36 -14.66
N ALA A 181 -3.83 23.94 -13.66
CA ALA A 181 -4.99 24.79 -13.91
C ALA A 181 -4.63 26.25 -14.21
N ARG A 182 -3.34 26.56 -14.11
CA ARG A 182 -2.91 27.96 -14.25
C ARG A 182 -3.53 28.73 -15.42
N GLU A 183 -3.44 28.16 -16.62
CA GLU A 183 -3.87 28.91 -17.82
C GLU A 183 -5.38 29.04 -17.86
N ARG A 184 -6.09 28.21 -17.10
CA ARG A 184 -7.53 28.33 -17.03
C ARG A 184 -7.88 29.46 -16.06
N PHE A 185 -7.25 29.47 -14.88
CA PHE A 185 -7.46 30.52 -13.88
C PHE A 185 -7.23 31.91 -14.46
N LEU A 186 -6.18 32.01 -15.28
CA LEU A 186 -5.71 33.26 -15.85
C LEU A 186 -6.74 34.02 -16.68
N LYS A 187 -7.77 33.34 -17.13
CA LYS A 187 -8.81 33.97 -17.95
C LYS A 187 -9.80 34.82 -17.14
N TYR A 188 -9.84 34.63 -15.83
CA TYR A 188 -10.88 35.25 -15.02
C TYR A 188 -10.30 36.01 -13.85
N SER A 189 -10.58 37.33 -13.84
CA SER A 189 -10.10 38.22 -12.79
C SER A 189 -10.38 37.69 -11.37
N SER A 190 -11.61 37.19 -11.14
CA SER A 190 -12.00 36.65 -9.84
C SER A 190 -11.08 35.50 -9.40
N SER A 191 -10.87 34.53 -10.29
CA SER A 191 -9.98 33.39 -9.96
C SER A 191 -8.50 33.75 -9.82
N LYS A 192 -8.04 34.74 -10.58
CA LYS A 192 -6.67 35.23 -10.44
C LYS A 192 -6.49 35.82 -9.04
N LYS A 193 -7.52 36.51 -8.56
CA LYS A 193 -7.50 37.08 -7.21
C LYS A 193 -7.47 36.01 -6.10
N TYR A 194 -8.21 34.92 -6.27
CA TYR A 194 -8.37 33.90 -5.24
C TYR A 194 -7.32 32.79 -5.29
N PHE A 195 -6.88 32.41 -6.50
CA PHE A 195 -6.04 31.18 -6.64
C PHE A 195 -4.56 31.41 -6.96
N PHE A 196 -4.15 32.68 -7.05
CA PHE A 196 -2.74 33.05 -7.16
C PHE A 196 -2.27 33.95 -5.99
N LYS A 197 -0.98 33.93 -5.74
CA LYS A 197 -0.37 34.97 -4.95
C LYS A 197 -0.17 36.23 -5.78
N LYS A 198 0.17 37.34 -5.11
CA LYS A 198 0.32 38.62 -5.79
C LYS A 198 1.19 38.49 -7.05
N GLY A 199 0.71 39.07 -8.15
CA GLY A 199 1.40 39.01 -9.44
C GLY A 199 0.98 37.79 -10.25
N HIS A 200 -0.07 37.11 -9.80
CA HIS A 200 -0.57 35.91 -10.46
C HIS A 200 0.44 34.74 -10.44
N LEU A 201 1.13 34.60 -9.30
CA LEU A 201 2.11 33.53 -9.07
C LEU A 201 1.44 32.30 -8.47
N ASP A 202 1.82 31.13 -8.98
CA ASP A 202 1.32 29.86 -8.49
C ASP A 202 1.62 29.71 -7.01
N TYR A 203 0.65 29.19 -6.25
CA TYR A 203 0.96 28.71 -4.91
C TYR A 203 1.90 27.54 -5.04
N GLN A 204 2.86 27.47 -4.11
CA GLN A 204 3.85 26.39 -4.10
C GLN A 204 3.55 25.48 -2.91
N GLU A 205 4.14 24.28 -2.91
CA GLU A 205 3.95 23.34 -1.82
C GLU A 205 4.39 23.95 -0.50
N GLY A 206 3.53 23.88 0.51
CA GLY A 206 3.84 24.39 1.85
C GLY A 206 3.36 25.82 2.11
N ASP A 207 2.98 26.53 1.05
CA ASP A 207 2.48 27.90 1.20
C ASP A 207 1.20 27.88 2.01
N LEU A 208 0.95 28.96 2.75
CA LEU A 208 -0.28 29.09 3.50
C LEU A 208 -1.31 29.69 2.59
N PHE A 209 -2.40 28.96 2.36
CA PHE A 209 -3.48 29.42 1.52
C PHE A 209 -4.67 29.89 2.37
N VAL A 210 -4.92 31.20 2.31
CA VAL A 210 -5.99 31.86 3.06
C VAL A 210 -7.08 32.31 2.09
N GLN A 211 -8.31 32.11 2.51
CA GLN A 211 -9.46 32.38 1.68
C GLN A 211 -10.53 33.20 2.40
N LYS A 212 -10.24 34.50 2.55
CA LYS A 212 -11.09 35.41 3.28
C LYS A 212 -12.50 35.61 2.71
N ASP A 213 -12.62 35.78 1.39
CA ASP A 213 -13.95 35.94 0.79
C ASP A 213 -14.76 34.65 0.96
N LEU A 214 -14.09 33.51 0.82
CA LEU A 214 -14.78 32.24 1.00
C LEU A 214 -15.31 32.14 2.43
N ALA A 215 -14.54 32.64 3.39
CA ALA A 215 -14.95 32.61 4.78
C ALA A 215 -16.14 33.51 4.99
N LYS A 216 -16.19 34.65 4.27
CA LYS A 216 -17.37 35.54 4.33
C LYS A 216 -18.62 34.78 3.95
N THR A 217 -18.53 33.97 2.89
CA THR A 217 -19.67 33.24 2.31
C THR A 217 -20.09 32.12 3.27
N LEU A 218 -19.12 31.36 3.74
CA LEU A 218 -19.40 30.33 4.73
C LEU A 218 -20.05 30.92 5.99
N ASN A 219 -19.64 32.13 6.35
CA ASN A 219 -20.16 32.80 7.55
C ASN A 219 -21.61 33.24 7.37
N GLN A 220 -21.95 33.65 6.14
CA GLN A 220 -23.34 33.86 5.74
C GLN A 220 -24.16 32.58 5.90
N ILE A 221 -23.58 31.46 5.50
CA ILE A 221 -24.28 30.17 5.59
C ILE A 221 -24.40 29.73 7.05
N LYS A 222 -23.35 29.97 7.84
CA LYS A 222 -23.39 29.69 9.26
C LYS A 222 -24.55 30.43 9.94
N THR A 223 -24.70 31.71 9.63
CA THR A 223 -25.66 32.55 10.31
C THR A 223 -27.08 32.33 9.77
N LEU A 224 -27.18 32.19 8.45
CA LEU A 224 -28.48 32.22 7.79
C LEU A 224 -28.94 30.89 7.17
N GLY A 225 -28.09 29.88 7.23
CA GLY A 225 -28.38 28.60 6.57
C GLY A 225 -28.22 28.76 5.08
N ALA A 226 -28.85 27.86 4.32
CA ALA A 226 -28.68 27.85 2.86
C ALA A 226 -29.15 29.16 2.20
N LYS A 227 -30.12 29.84 2.81
CA LYS A 227 -30.54 31.14 2.30
C LYS A 227 -29.37 32.15 2.33
N GLY A 228 -28.37 31.89 3.17
CA GLY A 228 -27.12 32.65 3.16
C GLY A 228 -26.34 32.52 1.87
N PHE A 229 -26.61 31.46 1.10
CA PHE A 229 -26.00 31.26 -0.22
C PHE A 229 -26.94 31.61 -1.36
N TYR A 230 -28.21 31.20 -1.22
CA TYR A 230 -29.18 31.30 -2.33
C TYR A 230 -29.98 32.60 -2.40
N GLN A 231 -29.90 33.41 -1.34
CA GLN A 231 -30.60 34.71 -1.24
C GLN A 231 -29.63 35.79 -0.73
N GLY A 232 -30.10 37.03 -0.62
CA GLY A 232 -29.31 38.09 0.03
C GLY A 232 -28.02 38.40 -0.68
N GLN A 233 -26.97 38.69 0.08
CA GLN A 233 -25.74 39.29 -0.49
C GLN A 233 -24.99 38.37 -1.44
N VAL A 234 -24.88 37.10 -1.07
CA VAL A 234 -24.19 36.14 -1.94
C VAL A 234 -24.95 35.89 -3.27
N ALA A 235 -26.28 35.79 -3.19
CA ALA A 235 -27.10 35.70 -4.42
C ALA A 235 -26.87 36.93 -5.31
N GLU A 236 -26.79 38.12 -4.70
CA GLU A 236 -26.54 39.35 -5.45
C GLU A 236 -25.16 39.30 -6.16
N LEU A 237 -24.16 38.88 -5.40
CA LEU A 237 -22.83 38.71 -5.93
C LEU A 237 -22.82 37.74 -7.10
N ILE A 238 -23.49 36.60 -6.94
CA ILE A 238 -23.54 35.63 -8.01
C ILE A 238 -24.23 36.21 -9.24
N GLU A 239 -25.37 36.85 -9.04
CA GLU A 239 -26.16 37.32 -10.18
C GLU A 239 -25.38 38.36 -10.97
N LYS A 240 -24.76 39.29 -10.25
CA LYS A 240 -24.13 40.44 -10.92
C LYS A 240 -22.83 40.01 -11.60
N ASP A 241 -22.11 39.07 -11.00
CA ASP A 241 -20.88 38.58 -11.61
C ASP A 241 -21.17 37.72 -12.83
N MET A 242 -22.24 36.91 -12.75
CA MET A 242 -22.72 36.20 -13.94
C MET A 242 -22.96 37.16 -15.13
N LYS A 243 -23.76 38.21 -14.91
CA LYS A 243 -24.17 39.16 -15.94
C LYS A 243 -22.97 39.86 -16.58
N LYS A 244 -21.99 40.19 -15.75
CA LYS A 244 -20.78 40.90 -16.18
C LYS A 244 -19.96 40.08 -17.15
N ASN A 245 -20.07 38.76 -16.99
CA ASN A 245 -19.14 37.81 -17.58
C ASN A 245 -19.76 36.80 -18.54
N GLY A 246 -20.98 37.06 -18.99
CA GLY A 246 -21.62 36.25 -20.02
C GLY A 246 -22.23 34.96 -19.47
N GLY A 247 -22.44 34.90 -18.16
CA GLY A 247 -23.16 33.76 -17.57
C GLY A 247 -24.65 34.09 -17.48
N ILE A 248 -25.47 33.11 -17.08
CA ILE A 248 -26.91 33.30 -17.13
C ILE A 248 -27.64 33.02 -15.81
N ILE A 249 -26.89 32.64 -14.79
CA ILE A 249 -27.48 32.34 -13.47
C ILE A 249 -27.94 33.63 -12.79
N THR A 250 -29.20 33.64 -12.35
CA THR A 250 -29.84 34.81 -11.77
C THR A 250 -30.29 34.50 -10.33
N LYS A 251 -30.72 35.53 -9.62
CA LYS A 251 -31.31 35.38 -8.29
C LYS A 251 -32.52 34.46 -8.34
N GLU A 252 -33.25 34.49 -9.46
CA GLU A 252 -34.45 33.67 -9.64
C GLU A 252 -34.04 32.20 -9.68
N ASP A 253 -32.99 31.92 -10.44
CA ASP A 253 -32.37 30.56 -10.45
C ASP A 253 -32.02 30.07 -9.05
N LEU A 254 -31.33 30.91 -8.28
CA LEU A 254 -30.85 30.53 -6.95
C LEU A 254 -31.98 30.32 -5.96
N ALA A 255 -32.95 31.22 -5.98
CA ALA A 255 -34.09 31.07 -5.11
C ALA A 255 -34.93 29.86 -5.49
N SER A 256 -34.83 29.41 -6.73
CA SER A 256 -35.64 28.28 -7.18
C SER A 256 -34.91 26.94 -7.07
N TYR A 257 -33.65 26.96 -6.67
CA TYR A 257 -32.88 25.72 -6.55
C TYR A 257 -33.52 24.75 -5.53
N ASN A 258 -33.77 23.52 -5.96
CA ASN A 258 -34.39 22.53 -5.11
C ASN A 258 -33.61 21.22 -5.09
N VAL A 259 -33.36 20.68 -3.90
CA VAL A 259 -32.87 19.29 -3.79
C VAL A 259 -34.06 18.38 -4.02
N LYS A 260 -33.78 17.12 -4.27
CA LYS A 260 -34.83 16.12 -4.39
C LYS A 260 -34.43 14.87 -3.65
N TRP A 261 -35.27 14.46 -2.71
CA TRP A 261 -35.12 13.20 -2.02
C TRP A 261 -35.69 12.19 -2.96
N ARG A 262 -34.87 11.24 -3.38
CA ARG A 262 -35.27 10.27 -4.39
C ARG A 262 -35.03 8.88 -3.84
N LYS A 263 -35.73 7.91 -4.43
CA LYS A 263 -35.48 6.50 -4.12
C LYS A 263 -34.14 6.06 -4.74
N PRO A 264 -33.28 5.37 -3.97
CA PRO A 264 -32.06 4.90 -4.61
C PRO A 264 -32.41 3.78 -5.56
N VAL A 265 -31.52 3.45 -6.49
CA VAL A 265 -31.71 2.24 -7.30
C VAL A 265 -31.13 1.09 -6.47
N VAL A 266 -31.82 -0.05 -6.45
CA VAL A 266 -31.44 -1.17 -5.58
C VAL A 266 -31.31 -2.42 -6.45
N GLY A 267 -30.29 -3.21 -6.15
CA GLY A 267 -30.04 -4.46 -6.85
C GLY A 267 -29.47 -5.46 -5.84
N SER A 268 -29.20 -6.67 -6.29
CA SER A 268 -28.50 -7.68 -5.48
C SER A 268 -27.36 -8.29 -6.26
N TYR A 269 -26.35 -8.74 -5.52
CA TYR A 269 -25.20 -9.43 -6.10
C TYR A 269 -24.74 -10.51 -5.14
N ARG A 270 -24.99 -11.77 -5.51
CA ARG A 270 -24.56 -12.92 -4.71
C ARG A 270 -24.93 -12.80 -3.22
N GLY A 271 -26.14 -12.35 -2.92
CA GLY A 271 -26.63 -12.36 -1.53
C GLY A 271 -26.43 -11.03 -0.83
N TYR A 272 -25.82 -10.08 -1.54
CA TYR A 272 -25.63 -8.72 -1.03
C TYR A 272 -26.60 -7.75 -1.70
N LYS A 273 -27.10 -6.79 -0.93
CA LYS A 273 -27.98 -5.73 -1.46
C LYS A 273 -27.12 -4.54 -1.85
N ILE A 274 -27.36 -4.05 -3.06
CA ILE A 274 -26.63 -2.91 -3.63
C ILE A 274 -27.56 -1.71 -3.64
N ILE A 275 -27.13 -0.62 -2.98
CA ILE A 275 -27.94 0.58 -2.88
C ILE A 275 -27.13 1.70 -3.53
N SER A 276 -27.62 2.29 -4.62
CA SER A 276 -26.81 3.28 -5.30
C SER A 276 -27.68 4.40 -5.88
N MET A 277 -27.04 5.35 -6.59
CA MET A 277 -27.72 6.59 -6.98
C MET A 277 -28.48 6.42 -8.29
N SER A 278 -29.73 6.84 -8.24
CA SER A 278 -30.67 6.75 -9.32
C SER A 278 -30.58 8.00 -10.21
N PRO A 279 -31.37 8.07 -11.31
CA PRO A 279 -31.33 9.31 -12.08
C PRO A 279 -31.57 10.55 -11.18
N PRO A 280 -30.87 11.65 -11.44
CA PRO A 280 -30.11 11.97 -12.67
C PRO A 280 -28.67 11.46 -12.76
N SER A 281 -28.31 10.49 -11.93
CA SER A 281 -27.06 9.80 -12.18
C SER A 281 -27.41 8.52 -12.92
N SER A 282 -26.56 8.17 -13.87
CA SER A 282 -26.55 6.83 -14.48
C SER A 282 -25.75 5.80 -13.70
N GLY A 283 -24.98 6.25 -12.71
CA GLY A 283 -24.02 5.38 -12.04
C GLY A 283 -24.62 4.13 -11.41
N GLY A 284 -25.60 4.32 -10.55
CA GLY A 284 -26.16 3.20 -9.78
C GLY A 284 -26.80 2.21 -10.71
N THR A 285 -27.49 2.72 -11.74
CA THR A 285 -28.15 1.83 -12.69
C THR A 285 -27.16 0.92 -13.41
N HIS A 286 -26.12 1.50 -13.98
CA HIS A 286 -25.18 0.69 -14.74
C HIS A 286 -24.29 -0.14 -13.84
N LEU A 287 -24.00 0.34 -12.64
CA LEU A 287 -23.31 -0.49 -11.64
C LEU A 287 -24.08 -1.81 -11.43
N ILE A 288 -25.38 -1.70 -11.18
CA ILE A 288 -26.23 -2.86 -10.89
C ILE A 288 -26.37 -3.72 -12.15
N GLN A 289 -26.55 -3.06 -13.29
CA GLN A 289 -26.59 -3.78 -14.57
C GLN A 289 -25.33 -4.61 -14.83
N ILE A 290 -24.17 -3.99 -14.71
CA ILE A 290 -22.92 -4.70 -14.99
C ILE A 290 -22.73 -5.87 -14.02
N LEU A 291 -22.96 -5.61 -12.73
CA LEU A 291 -22.86 -6.70 -11.76
C LEU A 291 -23.89 -7.78 -12.07
N ASN A 292 -25.09 -7.41 -12.49
CA ASN A 292 -26.07 -8.42 -12.84
C ASN A 292 -25.55 -9.37 -13.90
N VAL A 293 -24.88 -8.82 -14.91
CA VAL A 293 -24.30 -9.64 -15.99
C VAL A 293 -23.23 -10.54 -15.44
N MET A 294 -22.29 -9.93 -14.72
CA MET A 294 -21.21 -10.70 -14.03
C MET A 294 -21.70 -11.83 -13.11
N GLU A 295 -22.84 -11.63 -12.45
CA GLU A 295 -23.43 -12.65 -11.54
C GLU A 295 -23.63 -14.00 -12.22
N ASN A 296 -23.77 -13.99 -13.54
CA ASN A 296 -23.98 -15.26 -14.26
C ASN A 296 -22.76 -16.15 -14.37
N ALA A 297 -21.59 -15.61 -14.03
CA ALA A 297 -20.38 -16.41 -13.99
C ALA A 297 -19.91 -16.59 -12.55
N ASP A 298 -19.22 -17.70 -12.30
CA ASP A 298 -18.54 -17.92 -11.02
C ASP A 298 -17.16 -17.29 -11.14
N LEU A 299 -17.06 -15.99 -10.90
CA LEU A 299 -15.76 -15.29 -11.03
C LEU A 299 -14.75 -15.81 -10.01
N SER A 300 -15.25 -16.16 -8.82
CA SER A 300 -14.38 -16.64 -7.74
C SER A 300 -13.52 -17.83 -8.17
N ALA A 301 -14.03 -18.63 -9.10
CA ALA A 301 -13.35 -19.85 -9.52
C ALA A 301 -11.96 -19.56 -10.09
N LEU A 302 -11.86 -18.57 -10.99
CA LEU A 302 -10.56 -18.22 -11.57
C LEU A 302 -9.80 -17.13 -10.82
N GLY A 303 -10.52 -16.33 -10.05
CA GLY A 303 -9.88 -15.37 -9.14
C GLY A 303 -9.53 -14.04 -9.78
N TYR A 304 -8.96 -13.14 -8.98
CA TYR A 304 -8.73 -11.75 -9.40
C TYR A 304 -7.82 -11.72 -10.64
N GLY A 305 -8.16 -10.89 -11.63
CA GLY A 305 -7.19 -10.63 -12.73
C GLY A 305 -7.08 -11.66 -13.83
N ALA A 306 -7.91 -12.70 -13.77
CA ALA A 306 -8.01 -13.69 -14.84
C ALA A 306 -8.60 -13.09 -16.11
N SER A 307 -8.00 -13.35 -17.27
CA SER A 307 -8.53 -12.76 -18.50
C SER A 307 -9.99 -13.15 -18.81
N LYS A 308 -10.37 -14.38 -18.45
CA LYS A 308 -11.77 -14.80 -18.65
C LYS A 308 -12.72 -13.97 -17.79
N ASN A 309 -12.29 -13.62 -16.59
CA ASN A 309 -13.14 -12.80 -15.74
C ASN A 309 -13.16 -11.35 -16.22
N ILE A 310 -12.01 -10.85 -16.64
CA ILE A 310 -11.93 -9.46 -17.14
C ILE A 310 -12.80 -9.30 -18.39
N HIS A 311 -12.76 -10.30 -19.27
CA HIS A 311 -13.61 -10.32 -20.47
C HIS A 311 -15.11 -10.26 -20.19
N ILE A 312 -15.61 -11.07 -19.24
CA ILE A 312 -17.03 -10.99 -18.84
C ILE A 312 -17.41 -9.59 -18.36
N ALA A 313 -16.60 -9.03 -17.46
CA ALA A 313 -16.87 -7.67 -16.95
C ALA A 313 -16.82 -6.64 -18.06
N ALA A 314 -15.81 -6.74 -18.91
CA ALA A 314 -15.62 -5.74 -19.96
C ALA A 314 -16.74 -5.78 -21.00
N GLU A 315 -17.21 -6.97 -21.31
CA GLU A 315 -18.34 -7.06 -22.23
C GLU A 315 -19.64 -6.51 -21.68
N ALA A 316 -19.83 -6.72 -20.37
CA ALA A 316 -20.97 -6.15 -19.65
C ALA A 316 -20.86 -4.62 -19.67
N MET A 317 -19.67 -4.12 -19.34
CA MET A 317 -19.40 -2.67 -19.44
C MET A 317 -19.73 -2.10 -20.80
N ARG A 318 -19.28 -2.79 -21.84
CA ARG A 318 -19.48 -2.36 -23.19
C ARG A 318 -20.99 -2.13 -23.45
N GLN A 319 -21.81 -3.12 -23.09
CA GLN A 319 -23.25 -3.02 -23.35
C GLN A 319 -23.85 -1.88 -22.50
N ALA A 320 -23.46 -1.83 -21.23
CA ALA A 320 -23.98 -0.81 -20.29
C ALA A 320 -23.75 0.63 -20.78
N TYR A 321 -22.54 0.87 -21.27
CA TYR A 321 -22.19 2.23 -21.75
C TYR A 321 -22.86 2.60 -23.08
N ALA A 322 -23.09 1.61 -23.94
CA ALA A 322 -23.89 1.79 -25.12
C ALA A 322 -25.30 2.18 -24.67
N ASP A 323 -25.84 1.40 -23.72
CA ASP A 323 -27.18 1.69 -23.17
C ASP A 323 -27.25 3.11 -22.62
N ARG A 324 -26.22 3.49 -21.87
CA ARG A 324 -26.16 4.81 -21.23
C ARG A 324 -26.36 5.94 -22.23
N SER A 325 -25.74 5.79 -23.40
CA SER A 325 -25.72 6.84 -24.42
C SER A 325 -27.07 7.18 -25.05
N VAL A 326 -28.02 6.26 -24.92
CA VAL A 326 -29.37 6.40 -25.50
C VAL A 326 -30.45 6.57 -24.44
N TYR A 327 -30.34 5.85 -23.32
CA TYR A 327 -31.45 5.78 -22.39
C TYR A 327 -31.41 6.69 -21.19
N MET A 328 -30.24 7.26 -20.89
CA MET A 328 -30.03 7.93 -19.60
C MET A 328 -30.13 9.44 -19.64
N GLY A 329 -30.83 10.01 -18.66
CA GLY A 329 -30.88 11.45 -18.49
C GLY A 329 -31.69 11.72 -17.26
N ASP A 330 -32.02 12.99 -17.01
CA ASP A 330 -32.84 13.35 -15.85
C ASP A 330 -34.26 12.84 -16.08
N ALA A 331 -34.70 11.92 -15.22
CA ALA A 331 -35.98 11.24 -15.36
C ALA A 331 -37.18 12.15 -15.13
N ASP A 332 -36.92 13.34 -14.57
CA ASP A 332 -37.96 14.38 -14.39
C ASP A 332 -38.38 14.95 -15.74
N PHE A 333 -37.51 14.74 -16.74
CA PHE A 333 -37.67 15.34 -18.09
C PHE A 333 -37.82 14.33 -19.23
N VAL A 334 -37.17 13.17 -19.07
CA VAL A 334 -37.24 12.11 -20.09
C VAL A 334 -37.61 10.79 -19.44
N SER A 335 -38.05 9.81 -20.24
CA SER A 335 -38.35 8.47 -19.72
C SER A 335 -37.07 7.68 -19.64
N VAL A 336 -36.77 7.19 -18.45
CA VAL A 336 -35.51 6.41 -18.28
C VAL A 336 -35.91 5.04 -17.82
N PRO A 337 -35.62 4.01 -18.63
CA PRO A 337 -36.07 2.65 -18.28
C PRO A 337 -35.17 1.98 -17.23
N VAL A 338 -35.09 2.55 -16.03
CA VAL A 338 -34.21 2.03 -14.96
C VAL A 338 -34.56 0.58 -14.69
N ASP A 339 -35.85 0.28 -14.50
CA ASP A 339 -36.26 -1.07 -14.11
C ASP A 339 -35.87 -2.11 -15.15
N LYS A 340 -35.97 -1.76 -16.43
CA LYS A 340 -35.56 -2.66 -17.50
C LYS A 340 -34.04 -2.87 -17.53
N LEU A 341 -33.27 -1.81 -17.28
CA LEU A 341 -31.81 -1.89 -17.30
C LEU A 341 -31.26 -2.70 -16.13
N ILE A 342 -31.97 -2.68 -15.00
CA ILE A 342 -31.51 -3.44 -13.81
C ILE A 342 -32.20 -4.80 -13.69
N ASN A 343 -33.04 -5.13 -14.67
CA ASN A 343 -33.72 -6.43 -14.67
C ASN A 343 -32.71 -7.56 -14.87
N LYS A 344 -32.74 -8.57 -14.00
CA LYS A 344 -31.76 -9.65 -14.12
C LYS A 344 -31.92 -10.45 -15.43
N ALA A 345 -33.15 -10.48 -15.96
CA ALA A 345 -33.42 -11.19 -17.21
C ALA A 345 -32.71 -10.51 -18.37
N TYR A 346 -32.77 -9.16 -18.42
CA TYR A 346 -31.98 -8.41 -19.40
C TYR A 346 -30.49 -8.72 -19.28
N ALA A 347 -29.99 -8.75 -18.04
CA ALA A 347 -28.57 -9.05 -17.81
C ALA A 347 -28.18 -10.46 -18.30
N LYS A 348 -29.09 -11.41 -18.12
CA LYS A 348 -28.87 -12.79 -18.56
C LYS A 348 -28.78 -12.84 -20.09
N LYS A 349 -29.63 -12.08 -20.77
CA LYS A 349 -29.55 -11.92 -22.23
C LYS A 349 -28.18 -11.41 -22.67
N ILE A 350 -27.69 -10.36 -22.00
CA ILE A 350 -26.35 -9.82 -22.28
C ILE A 350 -25.29 -10.89 -22.07
N PHE A 351 -25.35 -11.55 -20.91
CA PHE A 351 -24.37 -12.58 -20.58
C PHE A 351 -24.32 -13.67 -21.65
N ASP A 352 -25.48 -14.06 -22.19
CA ASP A 352 -25.54 -15.17 -23.16
C ASP A 352 -24.91 -14.85 -24.51
N THR A 353 -24.72 -13.55 -24.81
CA THR A 353 -24.05 -13.15 -26.05
C THR A 353 -22.51 -13.16 -25.93
N ILE A 354 -22.00 -13.31 -24.71
CA ILE A 354 -20.55 -13.28 -24.48
C ILE A 354 -19.87 -14.59 -24.91
N GLN A 355 -18.95 -14.47 -25.87
CA GLN A 355 -18.16 -15.58 -26.45
C GLN A 355 -16.90 -15.87 -25.64
N PRO A 356 -16.56 -17.16 -25.43
CA PRO A 356 -15.35 -17.50 -24.67
C PRO A 356 -14.08 -16.68 -24.98
N ASP A 357 -13.77 -16.46 -26.24
CA ASP A 357 -12.50 -15.83 -26.58
C ASP A 357 -12.55 -14.87 -27.76
N THR A 358 -13.65 -14.14 -27.83
CA THR A 358 -13.73 -13.02 -28.75
C THR A 358 -14.73 -12.00 -28.23
N VAL A 359 -14.55 -10.76 -28.66
CA VAL A 359 -15.35 -9.63 -28.18
C VAL A 359 -16.51 -9.37 -29.14
N THR A 360 -17.51 -8.60 -28.70
CA THR A 360 -18.43 -7.96 -29.64
C THR A 360 -17.90 -6.55 -29.85
N PRO A 361 -17.35 -6.27 -31.05
CA PRO A 361 -16.81 -4.93 -31.26
C PRO A 361 -17.90 -3.91 -30.95
N SER A 362 -17.51 -2.71 -30.51
CA SER A 362 -18.46 -1.68 -30.10
C SER A 362 -19.37 -1.24 -31.25
N SER A 363 -18.84 -1.26 -32.49
CA SER A 363 -19.64 -0.93 -33.67
C SER A 363 -20.84 -1.85 -33.88
N GLN A 364 -20.81 -3.04 -33.31
CA GLN A 364 -21.86 -4.04 -33.48
C GLN A 364 -22.85 -4.06 -32.31
N ILE A 365 -22.54 -3.30 -31.27
CA ILE A 365 -23.41 -3.18 -30.11
C ILE A 365 -24.63 -2.38 -30.46
N LYS A 366 -25.76 -2.88 -29.98
CA LYS A 366 -27.03 -2.19 -30.18
C LYS A 366 -27.59 -1.83 -28.79
N PRO A 367 -27.69 -0.51 -28.49
CA PRO A 367 -28.28 -0.10 -27.21
C PRO A 367 -29.61 -0.78 -26.98
N GLY A 368 -29.76 -1.41 -25.81
CA GLY A 368 -30.99 -2.13 -25.49
C GLY A 368 -31.04 -3.55 -26.05
N MET A 369 -30.11 -3.88 -26.94
CA MET A 369 -30.12 -5.14 -27.70
C MET A 369 -31.42 -5.43 -28.46
N GLY A 370 -32.28 -4.41 -28.61
CA GLY A 370 -33.59 -4.57 -29.24
C GLY A 370 -34.59 -5.37 -28.40
N THR B 1 -13.90 15.84 -9.10
CA THR B 1 -14.84 15.10 -8.23
C THR B 1 -14.10 14.52 -7.03
N THR B 2 -14.87 14.28 -5.98
CA THR B 2 -14.32 13.65 -4.78
C THR B 2 -15.43 12.87 -4.10
N HIS B 3 -15.05 11.77 -3.48
CA HIS B 3 -16.00 10.93 -2.78
C HIS B 3 -15.62 10.81 -1.32
N TYR B 4 -16.63 10.83 -0.44
CA TYR B 4 -16.33 10.52 0.96
C TYR B 4 -17.35 9.56 1.57
N SER B 5 -16.95 8.80 2.58
CA SER B 5 -17.81 7.76 3.11
C SER B 5 -17.82 7.89 4.65
N VAL B 6 -18.99 7.70 5.27
CA VAL B 6 -19.09 7.84 6.72
C VAL B 6 -19.98 6.72 7.25
N ALA B 7 -19.61 6.13 8.38
CA ALA B 7 -20.48 5.19 9.02
C ALA B 7 -20.31 5.36 10.52
N ASP B 8 -21.43 5.31 11.25
CA ASP B 8 -21.38 5.57 12.69
C ASP B 8 -21.80 4.37 13.53
N ARG B 9 -21.74 4.54 14.84
CA ARG B 9 -21.95 3.41 15.77
C ARG B 9 -23.39 2.95 15.82
N TRP B 10 -24.31 3.81 15.39
CA TRP B 10 -25.72 3.52 15.46
C TRP B 10 -26.23 2.77 14.24
N GLY B 11 -25.39 2.63 13.22
CA GLY B 11 -25.77 1.91 12.01
C GLY B 11 -26.19 2.79 10.82
N ASN B 12 -25.98 4.10 10.94
CA ASN B 12 -26.15 4.98 9.78
C ASN B 12 -24.92 4.91 8.87
N ALA B 13 -25.14 4.97 7.57
CA ALA B 13 -24.05 5.09 6.60
C ALA B 13 -24.41 6.16 5.61
N VAL B 14 -23.43 6.99 5.25
CA VAL B 14 -23.61 8.07 4.30
C VAL B 14 -22.48 8.02 3.28
N SER B 15 -22.85 8.01 1.99
CA SER B 15 -21.89 7.88 0.91
C SER B 15 -22.14 9.05 -0.04
N VAL B 16 -21.21 9.99 -0.09
CA VAL B 16 -21.38 11.27 -0.82
C VAL B 16 -20.35 11.40 -1.91
N THR B 17 -20.78 11.56 -3.14
CA THR B 17 -19.86 12.02 -4.20
C THR B 17 -20.32 13.39 -4.65
N TYR B 18 -19.40 14.35 -4.66
CA TYR B 18 -19.81 15.70 -5.12
C TYR B 18 -18.66 16.35 -5.83
N THR B 19 -18.92 17.45 -6.54
CA THR B 19 -18.01 17.87 -7.59
C THR B 19 -18.35 19.24 -8.13
N ILE B 20 -17.36 19.84 -8.78
CA ILE B 20 -17.55 20.97 -9.69
C ILE B 20 -17.22 20.54 -11.12
N ASN B 21 -17.14 19.23 -11.28
CA ASN B 21 -16.88 18.51 -12.53
C ASN B 21 -15.38 18.38 -12.80
N ALA B 22 -14.81 19.18 -13.69
CA ALA B 22 -13.38 19.12 -14.00
C ALA B 22 -12.58 19.53 -12.77
N SER B 23 -11.28 19.27 -12.80
CA SER B 23 -10.37 19.82 -11.79
C SER B 23 -10.50 21.36 -11.79
N TYR B 24 -10.96 21.91 -10.66
CA TYR B 24 -11.26 23.34 -10.45
C TYR B 24 -12.46 23.86 -11.25
N GLY B 25 -13.37 22.95 -11.63
CA GLY B 25 -14.64 23.33 -12.23
C GLY B 25 -14.43 24.13 -13.50
N SER B 26 -15.23 25.19 -13.67
CA SER B 26 -15.12 26.08 -14.81
C SER B 26 -13.89 26.97 -14.77
N ALA B 27 -13.09 26.88 -13.70
CA ALA B 27 -11.97 27.79 -13.44
C ALA B 27 -12.32 29.25 -13.17
N ALA B 28 -13.62 29.61 -13.24
CA ALA B 28 -14.08 30.96 -12.90
C ALA B 28 -14.73 30.98 -11.50
N SER B 29 -14.41 32.02 -10.70
CA SER B 29 -14.94 32.11 -9.32
C SER B 29 -15.98 33.19 -9.24
N ILE B 30 -16.82 33.18 -8.20
CA ILE B 30 -17.73 34.31 -8.06
C ILE B 30 -17.02 35.45 -7.31
N ASP B 31 -16.83 36.60 -7.98
CA ASP B 31 -16.18 37.75 -7.37
C ASP B 31 -16.91 38.16 -6.11
N GLY B 32 -16.16 38.30 -5.02
CA GLY B 32 -16.70 38.70 -3.74
C GLY B 32 -17.15 37.55 -2.86
N ALA B 33 -17.23 36.34 -3.43
CA ALA B 33 -17.77 35.20 -2.72
C ALA B 33 -16.71 34.13 -2.50
N GLY B 34 -15.65 34.16 -3.30
CA GLY B 34 -14.49 33.27 -3.07
C GLY B 34 -14.56 31.81 -3.48
N PHE B 35 -15.58 31.42 -4.24
CA PHE B 35 -15.76 30.00 -4.62
C PHE B 35 -15.76 29.79 -6.13
N LEU B 36 -15.23 28.63 -6.54
CA LEU B 36 -15.23 28.23 -7.95
C LEU B 36 -16.59 27.73 -8.41
N LEU B 37 -16.93 28.10 -9.64
CA LEU B 37 -18.13 27.64 -10.33
C LEU B 37 -17.85 26.28 -11.00
N ASN B 38 -18.80 25.36 -10.88
CA ASN B 38 -18.76 24.10 -11.59
C ASN B 38 -18.74 24.30 -13.12
N ASN B 39 -18.24 23.32 -13.87
CA ASN B 39 -18.58 23.25 -15.31
C ASN B 39 -19.43 22.02 -15.59
N GLU B 40 -20.48 21.84 -14.78
CA GLU B 40 -21.34 20.67 -14.90
C GLU B 40 -22.14 20.65 -16.19
N MET B 41 -22.24 21.79 -16.87
CA MET B 41 -23.03 21.80 -18.08
C MET B 41 -22.43 20.87 -19.13
N ASP B 42 -21.14 20.59 -19.01
CA ASP B 42 -20.48 19.69 -19.97
C ASP B 42 -20.91 18.21 -19.80
N ASP B 43 -21.61 17.94 -18.71
CA ASP B 43 -22.18 16.60 -18.48
C ASP B 43 -23.46 16.33 -19.30
N PHE B 44 -24.06 17.38 -19.83
CA PHE B 44 -25.12 17.24 -20.81
C PHE B 44 -24.51 16.80 -22.15
N SER B 45 -25.33 16.31 -23.07
CA SER B 45 -24.91 16.18 -24.45
C SER B 45 -25.16 17.56 -25.10
N ILE B 46 -24.10 18.24 -25.51
CA ILE B 46 -24.31 19.59 -26.08
C ILE B 46 -24.61 19.61 -27.58
N LYS B 47 -24.42 18.46 -28.22
CA LYS B 47 -24.70 18.23 -29.63
C LYS B 47 -24.70 16.72 -29.77
N PRO B 48 -25.71 16.14 -30.43
CA PRO B 48 -25.78 14.67 -30.51
C PRO B 48 -24.52 14.03 -31.10
N GLY B 49 -23.97 13.05 -30.37
CA GLY B 49 -22.78 12.35 -30.85
C GLY B 49 -21.46 13.02 -30.48
N ASN B 50 -21.54 14.25 -30.01
CA ASN B 50 -20.36 14.94 -29.49
C ASN B 50 -19.85 14.37 -28.15
N PRO B 51 -18.57 13.95 -28.10
CA PRO B 51 -18.01 13.39 -26.86
C PRO B 51 -17.61 14.50 -25.90
N ASN B 52 -17.95 14.35 -24.63
CA ASN B 52 -17.62 15.38 -23.64
C ASN B 52 -16.25 15.09 -23.02
N LEU B 53 -15.98 15.73 -21.89
CA LEU B 53 -14.66 15.64 -21.24
C LEU B 53 -14.26 14.19 -20.92
N TYR B 54 -15.24 13.31 -20.77
CA TYR B 54 -14.95 11.89 -20.49
C TYR B 54 -15.20 10.95 -21.66
N GLY B 55 -15.37 11.51 -22.84
CA GLY B 55 -15.62 10.71 -24.04
C GLY B 55 -17.03 10.16 -24.08
N LEU B 56 -17.89 10.68 -23.22
CA LEU B 56 -19.29 10.25 -23.16
C LEU B 56 -20.13 10.97 -24.20
N VAL B 57 -21.05 10.22 -24.80
CA VAL B 57 -21.92 10.71 -25.86
C VAL B 57 -23.40 10.64 -25.48
N GLY B 58 -24.25 11.31 -26.25
CA GLY B 58 -25.67 11.36 -25.94
C GLY B 58 -26.51 11.88 -27.09
N GLY B 59 -27.82 11.96 -26.87
CA GLY B 59 -28.79 12.44 -27.88
C GLY B 59 -29.89 13.17 -27.14
N ASP B 60 -31.12 12.72 -27.30
CA ASP B 60 -32.27 13.40 -26.69
C ASP B 60 -32.28 13.31 -25.16
N ALA B 61 -32.03 12.11 -24.63
CA ALA B 61 -32.26 11.83 -23.21
C ALA B 61 -31.45 12.80 -22.35
N ASN B 62 -30.22 13.06 -22.76
CA ASN B 62 -29.32 13.94 -21.99
C ASN B 62 -29.09 15.32 -22.66
N ALA B 63 -30.04 15.76 -23.47
CA ALA B 63 -30.03 17.11 -24.04
C ALA B 63 -30.30 18.16 -22.96
N ILE B 64 -29.82 19.37 -23.21
CA ILE B 64 -30.02 20.51 -22.32
C ILE B 64 -31.43 21.00 -22.41
N GLU B 65 -32.03 21.22 -21.24
CA GLU B 65 -33.26 21.96 -21.10
C GLU B 65 -33.24 22.79 -19.83
N ALA B 66 -34.00 23.89 -19.81
CA ALA B 66 -34.09 24.72 -18.63
C ALA B 66 -34.48 23.89 -17.43
N ASN B 67 -33.71 24.05 -16.34
CA ASN B 67 -33.96 23.40 -15.04
C ASN B 67 -33.56 21.92 -14.98
N LYS B 68 -33.19 21.34 -16.12
CA LYS B 68 -32.88 19.92 -16.16
C LYS B 68 -31.52 19.70 -15.49
N ARG B 69 -31.34 18.52 -14.91
CA ARG B 69 -30.09 18.17 -14.21
C ARG B 69 -29.26 17.34 -15.16
N PRO B 70 -28.00 17.75 -15.40
CA PRO B 70 -27.19 17.01 -16.37
C PRO B 70 -26.88 15.60 -15.91
N LEU B 71 -26.86 14.66 -16.85
CA LEU B 71 -26.57 13.27 -16.51
C LEU B 71 -25.21 13.10 -15.81
N SER B 72 -25.18 12.31 -14.75
CA SER B 72 -23.90 12.02 -14.03
C SER B 72 -23.55 10.55 -14.12
N SER B 73 -22.30 10.24 -13.80
CA SER B 73 -21.84 8.86 -13.63
C SER B 73 -21.55 8.59 -12.16
N MET B 74 -21.78 9.56 -11.28
CA MET B 74 -21.39 9.38 -9.87
C MET B 74 -22.14 8.23 -9.23
N SER B 75 -21.42 7.43 -8.45
CA SER B 75 -21.99 6.20 -7.94
C SER B 75 -21.74 5.98 -6.45
N PRO B 76 -22.16 6.94 -5.60
CA PRO B 76 -22.03 6.67 -4.15
C PRO B 76 -22.90 5.46 -3.85
N THR B 77 -22.33 4.47 -3.17
CA THR B 77 -23.00 3.18 -3.07
C THR B 77 -22.89 2.70 -1.63
N ILE B 78 -23.94 2.02 -1.16
CA ILE B 78 -23.86 1.28 0.10
C ILE B 78 -24.21 -0.17 -0.26
N VAL B 79 -23.39 -1.10 0.25
CA VAL B 79 -23.70 -2.52 0.12
C VAL B 79 -24.11 -3.05 1.49
N LEU B 80 -25.22 -3.79 1.54
CA LEU B 80 -25.76 -4.38 2.79
C LEU B 80 -25.61 -5.89 2.78
N LYS B 81 -25.40 -6.47 3.96
CA LYS B 81 -25.38 -7.91 4.16
C LYS B 81 -26.35 -8.20 5.29
N ASN B 82 -27.40 -8.99 5.01
CA ASN B 82 -28.39 -9.37 6.03
C ASN B 82 -29.01 -8.12 6.66
N ASN B 83 -29.18 -7.11 5.81
CA ASN B 83 -29.66 -5.75 6.13
C ASN B 83 -28.79 -4.84 7.01
N LYS B 84 -27.56 -5.26 7.27
CA LYS B 84 -26.60 -4.45 8.03
C LYS B 84 -25.61 -3.80 7.06
N VAL B 85 -25.00 -2.68 7.45
CA VAL B 85 -24.00 -2.02 6.60
C VAL B 85 -22.82 -2.98 6.39
N PHE B 86 -22.37 -3.13 5.15
CA PHE B 86 -21.22 -3.98 4.84
C PHE B 86 -20.09 -3.15 4.14
N LEU B 87 -20.44 -2.46 3.06
CA LEU B 87 -19.52 -1.54 2.40
C LEU B 87 -20.17 -0.19 2.18
N VAL B 88 -19.36 0.87 2.31
CA VAL B 88 -19.71 2.24 1.94
C VAL B 88 -18.60 2.61 0.95
N VAL B 89 -18.96 2.93 -0.28
CA VAL B 89 -17.96 3.03 -1.36
C VAL B 89 -18.37 4.02 -2.45
N GLY B 90 -17.37 4.63 -3.07
CA GLY B 90 -17.59 5.53 -4.20
C GLY B 90 -16.25 6.04 -4.67
N SER B 91 -16.29 6.81 -5.75
CA SER B 91 -15.04 7.30 -6.35
C SER B 91 -15.34 8.47 -7.27
N PRO B 92 -14.34 9.35 -7.47
CA PRO B 92 -14.46 10.24 -8.61
C PRO B 92 -13.94 9.55 -9.88
N GLY B 93 -14.02 10.25 -11.01
CA GLY B 93 -13.41 9.81 -12.26
C GLY B 93 -14.27 9.88 -13.50
N GLY B 94 -15.32 10.69 -13.46
CA GLY B 94 -16.26 10.79 -14.59
C GLY B 94 -16.76 9.43 -15.02
N SER B 95 -16.59 9.13 -16.30
CA SER B 95 -17.08 7.87 -16.86
C SER B 95 -16.46 6.65 -16.18
N ARG B 96 -15.24 6.80 -15.63
CA ARG B 96 -14.57 5.69 -14.94
C ARG B 96 -15.13 5.35 -13.56
N ILE B 97 -16.07 6.18 -13.06
CA ILE B 97 -16.57 5.96 -11.70
C ILE B 97 -17.29 4.62 -11.65
N ILE B 98 -18.18 4.38 -12.61
CA ILE B 98 -19.03 3.19 -12.55
C ILE B 98 -18.16 1.93 -12.47
N THR B 99 -17.16 1.86 -13.32
CA THR B 99 -16.28 0.68 -13.39
C THR B 99 -15.32 0.56 -12.18
N THR B 100 -14.80 1.69 -11.71
CA THR B 100 -14.02 1.70 -10.44
C THR B 100 -14.82 1.12 -9.29
N VAL B 101 -16.04 1.60 -9.10
CA VAL B 101 -16.82 1.20 -7.95
C VAL B 101 -17.18 -0.27 -8.06
N LEU B 102 -17.57 -0.72 -9.25
CA LEU B 102 -17.94 -2.11 -9.37
C LEU B 102 -16.77 -3.06 -9.13
N GLN B 103 -15.57 -2.69 -9.57
CA GLN B 103 -14.37 -3.50 -9.35
C GLN B 103 -14.05 -3.61 -7.86
N VAL B 104 -14.24 -2.53 -7.10
CA VAL B 104 -13.95 -2.60 -5.66
C VAL B 104 -14.94 -3.57 -5.00
N ILE B 105 -16.21 -3.46 -5.36
CA ILE B 105 -17.23 -4.31 -4.81
C ILE B 105 -17.01 -5.79 -5.19
N SER B 106 -16.67 -6.03 -6.43
CA SER B 106 -16.41 -7.38 -6.93
C SER B 106 -15.17 -7.95 -6.25
N ASN B 107 -14.15 -7.11 -6.07
CA ASN B 107 -12.93 -7.61 -5.36
C ASN B 107 -13.27 -8.10 -3.96
N VAL B 108 -14.15 -7.39 -3.25
CA VAL B 108 -14.53 -7.89 -1.91
C VAL B 108 -15.41 -9.13 -2.05
N ILE B 109 -16.45 -9.04 -2.89
CA ILE B 109 -17.45 -10.11 -2.92
C ILE B 109 -16.98 -11.37 -3.64
N ASP B 110 -16.44 -11.19 -4.85
CA ASP B 110 -15.99 -12.35 -5.63
C ASP B 110 -14.66 -12.90 -5.14
N TYR B 111 -13.74 -12.01 -4.77
CA TYR B 111 -12.36 -12.47 -4.52
C TYR B 111 -11.94 -12.50 -3.06
N ASN B 112 -12.84 -12.02 -2.20
N ASN B 112 -12.84 -12.03 -2.19
CA ASN B 112 -12.64 -12.05 -0.76
CA ASN B 112 -12.61 -12.05 -0.74
C ASN B 112 -11.43 -11.19 -0.34
C ASN B 112 -11.43 -11.18 -0.33
N MET B 113 -11.25 -10.08 -1.05
CA MET B 113 -10.25 -9.12 -0.65
C MET B 113 -10.78 -8.37 0.54
N ASN B 114 -9.89 -7.96 1.46
CA ASN B 114 -10.31 -6.96 2.44
C ASN B 114 -10.38 -5.63 1.73
N ILE B 115 -10.88 -4.61 2.41
CA ILE B 115 -11.19 -3.35 1.73
C ILE B 115 -9.92 -2.64 1.27
N SER B 116 -8.82 -2.81 2.00
CA SER B 116 -7.58 -2.21 1.59
C SER B 116 -7.09 -2.84 0.28
N GLU B 117 -7.10 -4.17 0.26
CA GLU B 117 -6.74 -4.95 -0.94
C GLU B 117 -7.64 -4.63 -2.12
N ALA B 118 -8.94 -4.60 -1.85
CA ALA B 118 -9.97 -4.27 -2.88
C ALA B 118 -9.75 -2.95 -3.59
N VAL B 119 -9.31 -1.96 -2.82
CA VAL B 119 -9.12 -0.60 -3.30
C VAL B 119 -7.77 -0.47 -4.03
N SER B 120 -6.73 -1.11 -3.51
N SER B 120 -6.73 -1.09 -3.48
CA SER B 120 -5.40 -1.00 -4.10
CA SER B 120 -5.39 -1.01 -4.09
C SER B 120 -5.26 -1.76 -5.42
C SER B 120 -5.32 -1.71 -5.46
N ALA B 121 -6.05 -2.82 -5.59
CA ALA B 121 -5.92 -3.71 -6.75
C ALA B 121 -6.07 -2.95 -8.06
N PRO B 122 -5.19 -3.22 -9.03
CA PRO B 122 -5.28 -2.57 -10.36
C PRO B 122 -6.66 -2.65 -11.02
N ARG B 123 -7.02 -1.59 -11.74
CA ARG B 123 -8.36 -1.43 -12.30
C ARG B 123 -8.27 -1.38 -13.82
N PHE B 124 -9.29 -1.98 -14.48
CA PHE B 124 -9.46 -1.83 -15.93
C PHE B 124 -10.77 -1.10 -16.20
N HIS B 125 -10.98 -0.75 -17.48
CA HIS B 125 -12.11 0.09 -17.83
C HIS B 125 -12.44 -0.13 -19.28
N MET B 126 -13.73 -0.33 -19.55
CA MET B 126 -14.31 -0.39 -20.89
C MET B 126 -15.52 0.52 -20.89
N GLN B 127 -15.60 1.49 -21.82
CA GLN B 127 -16.77 2.39 -21.88
C GLN B 127 -17.42 2.46 -23.27
N TRP B 128 -17.12 1.42 -24.06
CA TRP B 128 -17.77 1.15 -25.36
C TRP B 128 -17.19 2.09 -26.44
N LEU B 129 -17.33 3.40 -26.23
CA LEU B 129 -16.59 4.40 -27.03
C LEU B 129 -15.75 5.27 -26.10
N PRO B 130 -14.43 5.34 -26.34
CA PRO B 130 -13.69 4.62 -27.37
C PRO B 130 -13.67 3.11 -27.12
N ASP B 131 -13.51 2.34 -28.20
CA ASP B 131 -13.48 0.88 -28.12
C ASP B 131 -12.07 0.40 -27.72
N GLU B 132 -11.78 0.51 -26.44
CA GLU B 132 -10.46 0.18 -25.92
C GLU B 132 -10.63 -0.36 -24.54
N LEU B 133 -9.70 -1.22 -24.16
CA LEU B 133 -9.62 -1.70 -22.79
C LEU B 133 -8.49 -0.93 -22.09
N ARG B 134 -8.92 -0.02 -21.23
CA ARG B 134 -8.01 0.85 -20.50
C ARG B 134 -7.51 0.15 -19.22
N ILE B 135 -6.19 0.16 -19.04
CA ILE B 135 -5.57 -0.47 -17.87
C ILE B 135 -4.61 0.50 -17.19
N GLU B 136 -4.05 0.08 -16.06
CA GLU B 136 -3.12 0.92 -15.28
C GLU B 136 -1.72 0.35 -15.37
N LYS B 137 -0.73 1.21 -15.19
CA LYS B 137 0.67 0.81 -15.15
C LYS B 137 0.88 -0.26 -14.10
N PHE B 138 1.62 -1.29 -14.48
CA PHE B 138 1.86 -2.52 -13.68
C PHE B 138 0.62 -3.35 -13.36
N GLY B 139 -0.52 -3.03 -13.95
CA GLY B 139 -1.73 -3.68 -13.52
C GLY B 139 -2.10 -4.98 -14.18
N MET B 140 -1.49 -5.26 -15.33
CA MET B 140 -1.82 -6.48 -16.03
C MET B 140 -0.56 -7.08 -16.67
N PRO B 141 -0.19 -8.30 -16.29
CA PRO B 141 1.03 -8.87 -16.82
C PRO B 141 0.85 -9.34 -18.25
N ALA B 142 1.97 -9.53 -18.95
CA ALA B 142 2.00 -9.87 -20.36
C ALA B 142 1.06 -11.00 -20.76
N ASP B 143 1.01 -12.08 -19.96
CA ASP B 143 0.19 -13.26 -20.26
C ASP B 143 -1.27 -12.92 -20.38
N VAL B 144 -1.74 -12.08 -19.46
CA VAL B 144 -3.15 -11.65 -19.46
C VAL B 144 -3.41 -10.69 -20.64
N LYS B 145 -2.55 -9.69 -20.81
CA LYS B 145 -2.66 -8.76 -21.96
C LYS B 145 -2.67 -9.51 -23.30
N ASP B 146 -1.80 -10.51 -23.42
CA ASP B 146 -1.75 -11.27 -24.68
C ASP B 146 -3.01 -12.06 -24.94
N ASN B 147 -3.59 -12.62 -23.89
CA ASN B 147 -4.84 -13.35 -24.04
C ASN B 147 -6.04 -12.45 -24.36
N LEU B 148 -6.07 -11.28 -23.73
CA LEU B 148 -7.10 -10.30 -24.03
C LEU B 148 -6.97 -9.69 -25.43
N THR B 149 -5.73 -9.42 -25.88
CA THR B 149 -5.51 -8.91 -27.23
C THR B 149 -5.97 -9.92 -28.29
N LYS B 150 -5.80 -11.20 -27.99
CA LYS B 150 -6.19 -12.27 -28.90
C LYS B 150 -7.69 -12.32 -29.10
N MET B 151 -8.44 -12.06 -28.04
CA MET B 151 -9.90 -11.95 -28.08
C MET B 151 -10.36 -10.78 -28.92
N GLY B 152 -9.45 -9.85 -29.17
CA GLY B 152 -9.75 -8.63 -29.91
C GLY B 152 -9.91 -7.35 -29.12
N TYR B 153 -9.34 -7.27 -27.92
CA TYR B 153 -9.32 -5.98 -27.22
C TYR B 153 -8.13 -5.18 -27.70
N GLN B 154 -8.31 -3.85 -27.76
CA GLN B 154 -7.20 -2.94 -27.96
C GLN B 154 -6.87 -2.38 -26.58
N ILE B 155 -5.76 -2.85 -26.02
CA ILE B 155 -5.35 -2.50 -24.65
C ILE B 155 -4.53 -1.21 -24.67
N VAL B 156 -4.84 -0.28 -23.76
CA VAL B 156 -4.10 0.98 -23.63
C VAL B 156 -3.81 1.21 -22.15
N THR B 157 -2.58 1.60 -21.86
CA THR B 157 -2.22 1.97 -20.50
C THR B 157 -2.36 3.48 -20.33
N LYS B 158 -3.12 3.91 -19.33
CA LYS B 158 -3.43 5.31 -19.13
C LYS B 158 -3.27 5.67 -17.64
N PRO B 159 -3.37 6.97 -17.27
CA PRO B 159 -3.24 7.32 -15.84
C PRO B 159 -4.17 6.59 -14.92
N VAL B 160 -3.76 6.44 -13.67
CA VAL B 160 -4.54 5.64 -12.73
C VAL B 160 -5.92 6.25 -12.60
N MET B 161 -6.88 5.36 -12.33
CA MET B 161 -8.28 5.71 -12.30
C MET B 161 -8.84 5.65 -10.87
N GLY B 162 -9.31 6.80 -10.41
CA GLY B 162 -10.17 6.90 -9.23
C GLY B 162 -9.45 7.33 -7.98
N ASP B 163 -10.24 7.43 -6.91
CA ASP B 163 -9.72 7.79 -5.61
C ASP B 163 -10.80 7.35 -4.64
N VAL B 164 -10.77 6.05 -4.37
CA VAL B 164 -11.81 5.40 -3.59
C VAL B 164 -11.57 5.61 -2.11
N ASN B 165 -12.60 6.13 -1.43
CA ASN B 165 -12.59 6.15 0.04
C ASN B 165 -13.71 5.25 0.51
N ALA B 166 -13.35 4.12 1.16
CA ALA B 166 -14.34 3.08 1.40
C ALA B 166 -14.23 2.59 2.81
N ILE B 167 -15.37 2.19 3.33
CA ILE B 167 -15.47 1.58 4.65
C ILE B 167 -16.03 0.18 4.52
N GLN B 168 -15.43 -0.75 5.24
CA GLN B 168 -16.06 -2.04 5.41
C GLN B 168 -16.47 -2.24 6.88
N VAL B 169 -17.70 -2.71 7.10
CA VAL B 169 -18.16 -2.99 8.48
C VAL B 169 -18.34 -4.48 8.70
N LEU B 170 -17.76 -4.97 9.78
CA LEU B 170 -17.88 -6.38 10.10
C LEU B 170 -18.42 -6.52 11.52
N PRO B 171 -19.37 -7.45 11.73
CA PRO B 171 -19.91 -7.70 13.06
C PRO B 171 -18.84 -8.32 13.95
N LYS B 172 -18.86 -7.94 15.23
CA LYS B 172 -18.06 -8.60 16.26
C LYS B 172 -19.03 -9.06 17.35
N THR B 173 -18.57 -9.89 18.30
CA THR B 173 -19.44 -10.37 19.37
C THR B 173 -20.23 -9.21 20.02
N LYS B 174 -19.50 -8.20 20.50
CA LYS B 174 -20.15 -6.95 20.88
C LYS B 174 -19.88 -5.89 19.81
N GLY B 175 -20.95 -5.32 19.26
CA GLY B 175 -20.84 -4.28 18.23
C GLY B 175 -20.20 -4.67 16.91
N SER B 176 -19.57 -3.69 16.28
CA SER B 176 -18.99 -3.84 14.95
C SER B 176 -17.55 -3.36 14.94
N VAL B 177 -16.78 -3.81 13.96
CA VAL B 177 -15.50 -3.18 13.66
C VAL B 177 -15.62 -2.47 12.30
N PHE B 178 -15.08 -1.25 12.21
CA PHE B 178 -15.06 -0.47 10.97
C PHE B 178 -13.65 -0.44 10.42
N TYR B 179 -13.51 -0.81 9.15
CA TYR B 179 -12.22 -0.83 8.45
C TYR B 179 -12.27 0.17 7.34
N GLY B 180 -11.18 0.88 7.12
CA GLY B 180 -11.22 1.87 6.08
C GLY B 180 -10.07 1.78 5.12
N SER B 181 -10.30 2.27 3.91
CA SER B 181 -9.20 2.46 3.02
C SER B 181 -9.38 3.79 2.33
N THR B 182 -8.31 4.56 2.32
CA THR B 182 -8.13 5.59 1.29
C THR B 182 -7.37 4.98 0.09
N ASP B 183 -7.26 5.72 -1.01
CA ASP B 183 -6.74 5.14 -2.24
C ASP B 183 -5.34 5.69 -2.51
N PRO B 184 -4.35 4.80 -2.70
CA PRO B 184 -2.99 5.26 -2.96
C PRO B 184 -2.86 5.99 -4.30
N ARG B 185 -3.96 6.20 -5.04
CA ARG B 185 -3.90 6.83 -6.37
C ARG B 185 -4.01 8.37 -6.41
N LYS B 186 -4.92 8.94 -5.62
CA LYS B 186 -5.23 10.39 -5.63
C LYS B 186 -5.40 11.09 -7.01
N GLU B 187 -6.31 10.58 -7.85
CA GLU B 187 -6.47 11.11 -9.21
C GLU B 187 -6.66 12.64 -9.30
N PHE B 188 -7.42 13.19 -8.36
CA PHE B 188 -7.78 14.62 -8.36
C PHE B 188 -7.28 15.35 -7.13
N ILE C 30 7.29 8.04 2.37
CA ILE C 30 8.41 8.41 3.28
C ILE C 30 9.47 9.12 2.46
N LYS C 31 9.81 10.33 2.89
CA LYS C 31 10.67 11.25 2.13
C LYS C 31 11.46 12.11 3.09
N ASN C 32 12.70 12.38 2.74
CA ASN C 32 13.57 13.28 3.48
C ASN C 32 14.57 13.87 2.50
N THR C 33 14.86 15.15 2.68
CA THR C 33 15.83 15.83 1.84
C THR C 33 16.87 16.55 2.67
N LYS C 34 17.00 16.18 3.94
CA LYS C 34 17.81 16.93 4.88
C LYS C 34 18.90 16.08 5.52
N VAL C 35 18.49 15.07 6.26
CA VAL C 35 19.40 14.26 7.05
C VAL C 35 19.39 12.79 6.65
N GLY C 36 18.51 12.40 5.73
CA GLY C 36 18.49 10.99 5.32
C GLY C 36 17.31 10.28 5.96
N LEU C 37 17.36 8.96 5.94
CA LEU C 37 16.30 8.11 6.54
C LEU C 37 16.88 6.98 7.35
N ALA C 38 16.19 6.64 8.43
CA ALA C 38 16.47 5.44 9.21
C ALA C 38 15.15 4.66 9.32
N LEU C 39 15.12 3.48 8.69
CA LEU C 39 13.89 2.74 8.51
C LEU C 39 13.97 1.33 9.03
N SER C 40 13.02 1.01 9.89
CA SER C 40 12.90 -0.30 10.52
C SER C 40 11.44 -0.79 10.55
N SER C 41 11.28 -2.02 11.08
CA SER C 41 9.95 -2.63 11.21
C SER C 41 9.17 -2.18 12.43
N HIS C 42 9.73 -1.30 13.26
CA HIS C 42 8.97 -0.77 14.38
C HIS C 42 9.01 0.75 14.37
N PRO C 43 7.83 1.40 14.35
CA PRO C 43 7.94 2.88 14.24
C PRO C 43 8.71 3.60 15.34
N LEU C 44 8.68 3.06 16.55
CA LEU C 44 9.43 3.68 17.65
C LEU C 44 10.94 3.56 17.43
N ALA C 45 11.40 2.42 16.91
CA ALA C 45 12.81 2.26 16.59
C ALA C 45 13.22 3.14 15.42
N SER C 46 12.36 3.21 14.40
CA SER C 46 12.62 4.10 13.27
C SER C 46 12.76 5.55 13.73
N GLU C 47 11.83 5.99 14.59
CA GLU C 47 11.84 7.34 15.17
C GLU C 47 13.12 7.61 15.95
N ILE C 48 13.60 6.61 16.68
CA ILE C 48 14.84 6.76 17.45
C ILE C 48 16.01 6.96 16.48
N GLY C 49 16.06 6.12 15.43
CA GLY C 49 17.08 6.28 14.37
C GLY C 49 17.02 7.63 13.68
N GLN C 50 15.81 8.06 13.34
CA GLN C 50 15.65 9.32 12.66
C GLN C 50 16.10 10.47 13.55
N LYS C 51 15.85 10.36 14.84
CA LYS C 51 16.20 11.42 15.78
C LYS C 51 17.71 11.55 15.85
N VAL C 52 18.40 10.40 15.83
CA VAL C 52 19.86 10.40 15.83
C VAL C 52 20.38 11.15 14.60
N LEU C 53 19.79 10.89 13.45
CA LEU C 53 20.17 11.66 12.25
C LEU C 53 19.88 13.16 12.38
N GLU C 54 18.69 13.49 12.88
CA GLU C 54 18.30 14.89 13.13
C GLU C 54 19.28 15.61 14.06
N GLU C 55 19.71 14.91 15.12
CA GLU C 55 20.63 15.46 16.11
C GLU C 55 22.09 15.50 15.63
N GLY C 56 22.37 14.99 14.42
CA GLY C 56 23.69 15.17 13.80
C GLY C 56 24.55 13.92 13.72
N GLY C 57 23.98 12.78 14.07
CA GLY C 57 24.70 11.50 14.02
C GLY C 57 24.76 10.97 12.61
N ASN C 58 25.69 10.04 12.35
CA ASN C 58 25.78 9.47 11.02
C ASN C 58 24.97 8.19 10.92
N ALA C 59 25.02 7.54 9.76
CA ALA C 59 24.19 6.36 9.54
C ALA C 59 24.54 5.23 10.49
N ILE C 60 25.82 5.14 10.86
CA ILE C 60 26.25 4.10 11.78
C ILE C 60 25.70 4.37 13.19
N ASP C 61 25.78 5.63 13.63
CA ASP C 61 25.20 6.05 14.92
C ASP C 61 23.72 5.67 14.96
N ALA C 62 22.98 6.07 13.92
CA ALA C 62 21.56 5.74 13.86
C ALA C 62 21.30 4.23 13.85
N ALA C 63 22.16 3.49 13.13
CA ALA C 63 21.99 2.03 13.04
C ALA C 63 22.18 1.34 14.40
N VAL C 64 23.13 1.83 15.18
CA VAL C 64 23.40 1.30 16.54
C VAL C 64 22.23 1.60 17.49
N ALA C 65 21.71 2.82 17.44
CA ALA C 65 20.52 3.16 18.22
C ALA C 65 19.34 2.25 17.85
N ILE C 66 19.12 2.02 16.55
CA ILE C 66 18.04 1.14 16.09
C ILE C 66 18.25 -0.28 16.56
N GLY C 67 19.51 -0.78 16.50
CA GLY C 67 19.80 -2.17 16.91
C GLY C 67 19.40 -2.44 18.35
N PHE C 68 19.67 -1.49 19.24
CA PHE C 68 19.28 -1.61 20.63
C PHE C 68 17.80 -1.36 20.86
N ALA C 69 17.23 -0.39 20.17
CA ALA C 69 15.80 -0.13 20.32
C ALA C 69 14.93 -1.32 19.93
N LEU C 70 15.24 -1.93 18.78
CA LEU C 70 14.47 -3.10 18.32
C LEU C 70 14.61 -4.26 19.31
N ALA C 71 15.74 -4.36 20.00
CA ALA C 71 15.90 -5.37 21.05
C ALA C 71 14.87 -5.23 22.17
N VAL C 72 14.28 -4.04 22.27
CA VAL C 72 13.22 -3.77 23.25
C VAL C 72 11.82 -3.87 22.67
N VAL C 73 11.61 -3.21 21.53
CA VAL C 73 10.26 -3.04 21.01
C VAL C 73 9.85 -4.10 19.98
N HIS C 74 10.77 -4.97 19.60
CA HIS C 74 10.46 -5.98 18.58
C HIS C 74 11.11 -7.32 18.99
N PRO C 75 10.79 -7.81 20.20
CA PRO C 75 11.50 -8.98 20.75
C PRO C 75 11.35 -10.28 19.95
N ALA C 76 10.39 -10.36 19.04
CA ALA C 76 10.33 -11.55 18.17
C ALA C 76 11.57 -11.70 17.27
N ALA C 77 12.25 -10.58 17.01
CA ALA C 77 13.31 -10.54 15.99
C ALA C 77 14.47 -9.61 16.38
N GLY C 78 14.14 -8.36 16.72
CA GLY C 78 15.10 -7.44 17.36
C GLY C 78 15.62 -8.10 18.62
N ASN C 79 16.89 -7.83 18.94
CA ASN C 79 17.52 -8.64 19.97
C ASN C 79 18.85 -8.14 20.48
N ILE C 80 19.21 -8.56 21.69
CA ILE C 80 20.64 -8.65 22.11
C ILE C 80 21.14 -10.10 22.25
N GLY C 81 20.24 -11.06 22.09
CA GLY C 81 20.56 -12.49 22.30
C GLY C 81 20.90 -13.24 21.02
N GLY C 82 20.97 -12.50 19.89
CA GLY C 82 21.21 -13.14 18.58
C GLY C 82 22.44 -12.62 17.87
N GLY C 83 22.31 -12.37 16.58
CA GLY C 83 23.42 -11.79 15.83
C GLY C 83 22.96 -11.45 14.45
N GLY C 84 23.91 -11.03 13.62
CA GLY C 84 23.56 -10.64 12.24
C GLY C 84 24.74 -10.02 11.51
N PHE C 85 24.41 -9.20 10.52
CA PHE C 85 25.38 -8.64 9.58
C PHE C 85 25.02 -7.19 9.30
N ALA C 86 26.07 -6.40 9.05
CA ALA C 86 25.90 -5.04 8.58
C ALA C 86 26.73 -4.91 7.32
N VAL C 87 26.12 -4.42 6.27
CA VAL C 87 26.86 -4.05 5.06
C VAL C 87 26.85 -2.54 5.00
N ILE C 88 28.03 -1.95 4.81
CA ILE C 88 28.21 -0.50 4.95
C ILE C 88 28.89 0.08 3.70
N HIS C 89 28.31 1.14 3.15
CA HIS C 89 28.99 1.93 2.13
C HIS C 89 29.39 3.24 2.79
N LEU C 90 30.68 3.61 2.72
CA LEU C 90 31.14 4.83 3.38
C LEU C 90 31.22 5.96 2.38
N ALA C 91 31.20 7.17 2.92
CA ALA C 91 31.22 8.41 2.11
C ALA C 91 32.39 8.44 1.13
N ASN C 92 33.56 8.00 1.57
CA ASN C 92 34.75 8.01 0.75
C ASN C 92 34.74 6.94 -0.33
N GLY C 93 33.68 6.13 -0.36
CA GLY C 93 33.50 5.11 -1.39
C GLY C 93 33.90 3.67 -1.08
N GLU C 94 34.47 3.43 0.10
CA GLU C 94 34.81 2.07 0.53
C GLU C 94 33.55 1.31 0.89
N ASN C 95 33.54 0.02 0.63
CA ASN C 95 32.44 -0.86 1.07
C ASN C 95 33.00 -1.92 1.99
N VAL C 96 32.32 -2.14 3.12
CA VAL C 96 32.79 -3.04 4.16
C VAL C 96 31.63 -3.86 4.71
N ALA C 97 31.93 -5.03 5.23
CA ALA C 97 30.89 -5.84 5.82
C ALA C 97 31.29 -6.22 7.24
N LEU C 98 30.34 -6.18 8.17
CA LEU C 98 30.62 -6.66 9.55
C LEU C 98 29.84 -7.92 9.79
N ASP C 99 30.57 -8.97 10.17
CA ASP C 99 29.99 -10.24 10.55
C ASP C 99 29.92 -10.24 12.08
N PHE C 100 28.70 -10.22 12.60
CA PHE C 100 28.44 -10.41 14.04
C PHE C 100 27.44 -11.55 14.23
N ARG C 101 27.63 -12.56 13.38
CA ARG C 101 26.86 -13.78 13.40
C ARG C 101 27.21 -14.58 14.64
N GLU C 102 26.23 -15.26 15.20
CA GLU C 102 26.57 -16.17 16.31
C GLU C 102 27.59 -17.26 15.92
N LYS C 103 28.31 -17.72 16.94
CA LYS C 103 29.27 -18.81 16.80
C LYS C 103 28.73 -20.05 17.48
N ALA C 104 28.94 -21.22 16.88
CA ALA C 104 28.76 -22.45 17.64
C ALA C 104 29.63 -22.37 18.90
N PRO C 105 29.11 -22.81 20.06
CA PRO C 105 29.92 -22.79 21.30
C PRO C 105 31.22 -23.53 21.17
N LEU C 106 32.13 -23.24 22.10
CA LEU C 106 33.45 -23.87 22.17
C LEU C 106 33.31 -25.38 22.30
N LYS C 107 32.21 -25.82 22.92
CA LYS C 107 31.95 -27.23 23.12
C LYS C 107 30.97 -27.90 22.16
N ALA C 108 30.56 -27.18 21.10
CA ALA C 108 29.69 -27.69 20.03
C ALA C 108 30.35 -28.91 19.35
N THR C 109 29.53 -29.86 18.91
CA THR C 109 30.01 -31.04 18.16
C THR C 109 29.06 -31.32 16.98
N LYS C 110 29.60 -31.98 15.97
CA LYS C 110 28.87 -32.23 14.71
C LYS C 110 27.51 -32.92 14.98
N ASN C 111 27.50 -33.93 15.86
CA ASN C 111 26.27 -34.69 16.06
C ASN C 111 25.52 -34.33 17.33
N MET C 112 25.77 -33.13 17.86
CA MET C 112 25.14 -32.70 19.14
C MET C 112 23.62 -32.75 19.17
N PHE C 113 22.96 -32.62 18.01
CA PHE C 113 21.48 -32.66 17.99
C PHE C 113 20.89 -34.04 17.68
N LEU C 114 21.74 -35.05 17.72
CA LEU C 114 21.31 -36.39 17.35
C LEU C 114 21.25 -37.30 18.57
N ASP C 115 20.29 -38.24 18.55
CA ASP C 115 20.25 -39.27 19.59
C ASP C 115 21.37 -40.26 19.28
N LYS C 116 21.36 -41.41 19.98
CA LYS C 116 22.41 -42.41 19.80
C LYS C 116 22.27 -43.21 18.48
N GLN C 117 21.05 -42.99 17.84
CA GLN C 117 20.81 -43.67 16.56
C GLN C 117 21.13 -42.81 15.35
N GLY C 118 21.64 -41.61 15.63
CA GLY C 118 22.02 -40.70 14.56
C GLY C 118 20.79 -40.00 14.01
N ASN C 119 19.66 -40.11 14.76
CA ASN C 119 18.43 -39.42 14.37
C ASN C 119 18.26 -38.13 15.15
N VAL C 120 17.68 -37.16 14.47
CA VAL C 120 17.45 -35.85 15.03
C VAL C 120 16.57 -35.96 16.27
N VAL C 121 16.99 -35.27 17.33
CA VAL C 121 16.17 -35.18 18.53
C VAL C 121 15.18 -34.05 18.31
N PRO C 122 13.87 -34.38 18.24
CA PRO C 122 12.94 -33.33 17.85
C PRO C 122 13.07 -32.10 18.78
N LYS C 123 13.20 -30.93 18.15
CA LYS C 123 13.12 -29.63 18.82
C LYS C 123 14.38 -29.20 19.57
N LEU C 124 15.37 -30.07 19.67
CA LEU C 124 16.58 -29.75 20.43
C LEU C 124 17.36 -28.60 19.81
N SER C 125 17.33 -28.49 18.48
CA SER C 125 18.01 -27.39 17.81
C SER C 125 17.12 -26.16 17.69
N GLU C 126 15.90 -26.24 18.20
CA GLU C 126 14.88 -25.17 17.95
C GLU C 126 14.41 -24.51 19.24
N ASP C 127 14.11 -25.33 20.24
CA ASP C 127 13.54 -24.82 21.48
C ASP C 127 14.54 -25.00 22.62
N GLY C 128 14.78 -23.94 23.37
CA GLY C 128 15.66 -24.06 24.56
C GLY C 128 17.12 -23.66 24.40
N TYR C 129 17.90 -24.00 25.43
CA TYR C 129 19.21 -23.43 25.67
C TYR C 129 20.35 -24.02 24.83
N LEU C 130 20.24 -25.30 24.43
CA LEU C 130 21.21 -25.90 23.50
C LEU C 130 21.05 -25.39 22.05
N ALA C 131 19.93 -24.72 21.77
CA ALA C 131 19.63 -24.28 20.41
C ALA C 131 20.43 -23.03 20.06
N ALA C 132 21.06 -22.44 21.09
CA ALA C 132 21.67 -21.10 21.01
C ALA C 132 23.13 -21.10 20.55
N GLY C 133 23.45 -20.23 19.55
CA GLY C 133 24.86 -19.93 19.31
C GLY C 133 25.28 -18.75 20.20
N VAL C 134 26.58 -18.50 20.29
CA VAL C 134 27.10 -17.41 21.15
C VAL C 134 26.67 -16.05 20.57
N PRO C 135 25.87 -15.26 21.33
CA PRO C 135 25.34 -14.00 20.71
C PRO C 135 26.40 -13.01 20.23
N GLY C 136 26.16 -12.42 19.07
CA GLY C 136 27.09 -11.45 18.50
C GLY C 136 26.56 -10.03 18.43
N THR C 137 25.25 -9.86 18.62
CA THR C 137 24.66 -8.50 18.42
C THR C 137 25.36 -7.36 19.16
N VAL C 138 25.55 -7.52 20.45
CA VAL C 138 26.15 -6.47 21.26
C VAL C 138 27.58 -6.14 20.80
N ALA C 139 28.37 -7.19 20.57
CA ALA C 139 29.72 -6.99 20.01
C ALA C 139 29.68 -6.25 18.66
N GLY C 140 28.70 -6.62 17.84
CA GLY C 140 28.52 -6.02 16.52
C GLY C 140 28.17 -4.54 16.58
N MET C 141 27.19 -4.19 17.40
CA MET C 141 26.84 -2.78 17.60
C MET C 141 28.05 -1.94 18.01
N GLU C 142 28.77 -2.38 19.04
CA GLU C 142 29.93 -1.63 19.51
C GLU C 142 31.04 -1.53 18.45
N ALA C 143 31.25 -2.63 17.72
CA ALA C 143 32.29 -2.67 16.68
C ALA C 143 32.06 -1.65 15.58
N MET C 144 30.85 -1.61 15.04
CA MET C 144 30.61 -0.63 13.99
C MET C 144 30.66 0.79 14.54
N LEU C 145 30.19 0.99 15.78
CA LEU C 145 30.19 2.31 16.41
C LEU C 145 31.61 2.85 16.54
N LYS C 146 32.49 2.02 17.11
CA LYS C 146 33.85 2.46 17.36
C LYS C 146 34.63 2.74 16.08
N LYS C 147 34.39 1.94 15.04
CA LYS C 147 35.16 2.09 13.81
C LYS C 147 34.65 3.24 12.94
N TYR C 148 33.32 3.40 12.89
CA TYR C 148 32.73 4.29 11.89
C TYR C 148 31.70 5.30 12.42
N GLY C 149 31.34 5.18 13.70
CA GLY C 149 30.33 6.10 14.27
C GLY C 149 30.97 7.39 14.77
N THR C 150 30.15 8.28 15.30
CA THR C 150 30.66 9.56 15.80
C THR C 150 30.14 9.88 17.21
N LYS C 151 29.19 9.07 17.68
CA LYS C 151 28.57 9.31 18.99
C LYS C 151 28.98 8.20 19.96
N LYS C 152 28.75 8.42 21.25
CA LYS C 152 29.07 7.43 22.28
C LYS C 152 27.92 6.45 22.51
N LEU C 153 28.29 5.19 22.73
CA LEU C 153 27.28 4.16 22.90
C LEU C 153 26.32 4.53 24.02
N SER C 154 26.88 5.08 25.09
CA SER C 154 26.13 5.46 26.27
C SER C 154 24.94 6.34 25.94
N GLN C 155 25.09 7.21 24.94
CA GLN C 155 23.99 8.07 24.50
C GLN C 155 23.02 7.41 23.51
N LEU C 156 23.58 6.58 22.63
CA LEU C 156 22.74 5.90 21.62
C LEU C 156 21.88 4.76 22.17
N ILE C 157 22.22 4.29 23.37
CA ILE C 157 21.48 3.19 24.00
C ILE C 157 20.38 3.74 24.92
N ASP C 158 20.49 5.03 25.27
CA ASP C 158 19.52 5.67 26.15
C ASP C 158 18.04 5.50 25.72
N PRO C 159 17.72 5.71 24.44
CA PRO C 159 16.32 5.55 24.01
C PRO C 159 15.76 4.13 24.24
N ALA C 160 16.57 3.12 23.97
CA ALA C 160 16.20 1.73 24.26
C ALA C 160 15.98 1.51 25.77
N ILE C 161 16.90 2.01 26.57
CA ILE C 161 16.78 1.84 28.02
C ILE C 161 15.45 2.42 28.51
N LYS C 162 15.10 3.60 28.00
CA LYS C 162 13.86 4.28 28.37
C LYS C 162 12.64 3.41 28.07
N LEU C 163 12.66 2.74 26.91
CA LEU C 163 11.51 1.94 26.46
C LEU C 163 11.42 0.67 27.29
N ALA C 164 12.60 0.16 27.67
CA ALA C 164 12.66 -0.98 28.53
C ALA C 164 12.11 -0.65 29.93
N GLU C 165 12.60 0.43 30.51
N GLU C 165 12.59 0.42 30.52
CA GLU C 165 12.22 0.87 31.86
CA GLU C 165 12.18 0.81 31.88
C GLU C 165 10.79 1.40 31.96
C GLU C 165 10.76 1.35 31.94
N ASN C 166 10.37 2.18 30.97
CA ASN C 166 9.07 2.85 31.05
C ASN C 166 7.96 2.11 30.32
N GLY C 167 8.35 1.22 29.40
CA GLY C 167 7.38 0.42 28.65
C GLY C 167 6.97 1.02 27.33
N TYR C 168 6.29 0.22 26.54
CA TYR C 168 5.73 0.67 25.27
C TYR C 168 4.49 -0.17 24.99
N ALA C 169 3.63 0.33 24.09
CA ALA C 169 2.39 -0.33 23.74
C ALA C 169 2.61 -1.51 22.80
N ILE C 170 2.13 -2.65 23.22
CA ILE C 170 2.01 -3.86 22.37
C ILE C 170 1.12 -3.55 21.17
N SER C 171 1.60 -3.90 19.99
CA SER C 171 0.84 -3.65 18.75
C SER C 171 -0.07 -4.82 18.45
N GLN C 172 -0.95 -4.64 17.47
CA GLN C 172 -1.84 -5.73 17.02
C GLN C 172 -1.04 -6.95 16.55
N ARG C 173 -0.04 -6.73 15.68
CA ARG C 173 0.74 -7.85 15.16
C ARG C 173 1.55 -8.53 16.28
N GLN C 174 2.07 -7.73 17.20
CA GLN C 174 2.83 -8.26 18.31
C GLN C 174 1.97 -9.16 19.19
N ALA C 175 0.75 -8.72 19.48
CA ALA C 175 -0.19 -9.57 20.22
C ALA C 175 -0.39 -10.93 19.55
N GLU C 176 -0.45 -10.92 18.21
CA GLU C 176 -0.66 -12.15 17.42
C GLU C 176 0.56 -13.08 17.54
N THR C 177 1.75 -12.51 17.38
CA THR C 177 2.97 -13.32 17.37
C THR C 177 3.29 -13.87 18.77
N LEU C 178 3.02 -13.06 19.81
CA LEU C 178 3.19 -13.51 21.21
C LEU C 178 2.27 -14.68 21.49
N LYS C 179 1.00 -14.55 21.09
CA LYS C 179 0.04 -15.63 21.27
C LYS C 179 0.49 -16.94 20.59
N GLU C 180 1.02 -16.84 19.38
CA GLU C 180 1.52 -18.02 18.68
C GLU C 180 2.73 -18.65 19.35
N ALA C 181 3.51 -17.84 20.06
CA ALA C 181 4.68 -18.34 20.76
C ALA C 181 4.38 -18.88 22.17
N ARG C 182 3.12 -18.78 22.60
CA ARG C 182 2.76 -19.04 23.99
C ARG C 182 3.26 -20.38 24.51
N GLU C 183 3.01 -21.42 23.75
CA GLU C 183 3.33 -22.78 24.17
C GLU C 183 4.86 -22.98 24.27
N ARG C 184 5.60 -22.23 23.48
CA ARG C 184 7.04 -22.29 23.54
C ARG C 184 7.58 -21.56 24.77
N PHE C 185 7.07 -20.36 25.06
CA PHE C 185 7.46 -19.60 26.25
C PHE C 185 7.19 -20.39 27.53
N LEU C 186 6.05 -21.07 27.55
CA LEU C 186 5.61 -21.80 28.74
C LEU C 186 6.58 -22.89 29.21
N LYS C 187 7.49 -23.32 28.33
CA LYS C 187 8.48 -24.33 28.68
C LYS C 187 9.58 -23.79 29.58
N TYR C 188 9.80 -22.48 29.56
CA TYR C 188 10.95 -21.91 30.26
C TYR C 188 10.48 -20.93 31.34
N SER C 189 10.87 -21.21 32.59
CA SER C 189 10.51 -20.33 33.72
C SER C 189 10.93 -18.88 33.41
N SER C 190 12.11 -18.69 32.80
CA SER C 190 12.60 -17.35 32.48
C SER C 190 11.66 -16.59 31.55
N SER C 191 11.26 -17.25 30.46
CA SER C 191 10.37 -16.58 29.51
C SER C 191 8.95 -16.38 30.02
N LYS C 192 8.48 -17.31 30.85
CA LYS C 192 7.18 -17.16 31.53
C LYS C 192 7.14 -15.84 32.29
N LYS C 193 8.22 -15.53 32.98
CA LYS C 193 8.33 -14.30 33.76
C LYS C 193 8.33 -13.04 32.89
N TYR C 194 9.02 -13.11 31.77
CA TYR C 194 9.26 -11.93 30.92
C TYR C 194 8.16 -11.65 29.91
N PHE C 195 7.57 -12.69 29.34
CA PHE C 195 6.75 -12.49 28.13
C PHE C 195 5.26 -12.69 28.32
N PHE C 196 4.87 -12.91 29.57
CA PHE C 196 3.47 -12.93 29.97
C PHE C 196 3.20 -11.93 31.08
N LYS C 197 1.95 -11.47 31.15
CA LYS C 197 1.47 -10.69 32.29
C LYS C 197 1.28 -11.59 33.50
N LYS C 198 0.91 -10.98 34.63
CA LYS C 198 0.67 -11.75 35.84
C LYS C 198 -0.40 -12.82 35.52
N GLY C 199 -0.21 -14.02 36.08
CA GLY C 199 -1.14 -15.14 35.87
C GLY C 199 -0.96 -15.88 34.55
N HIS C 200 0.17 -15.65 33.89
CA HIS C 200 0.49 -16.26 32.60
C HIS C 200 -0.48 -15.84 31.49
N LEU C 201 -1.02 -14.62 31.60
CA LEU C 201 -1.86 -14.09 30.55
C LEU C 201 -1.03 -13.57 29.39
N ASP C 202 -1.57 -13.75 28.18
CA ASP C 202 -0.97 -13.22 26.97
C ASP C 202 -1.06 -11.70 27.03
N TYR C 203 0.01 -11.01 26.64
CA TYR C 203 -0.14 -9.57 26.38
C TYR C 203 -1.16 -9.26 25.26
N GLN C 204 -1.98 -8.23 25.45
CA GLN C 204 -2.97 -7.82 24.47
C GLN C 204 -2.52 -6.54 23.78
N GLU C 205 -3.01 -6.36 22.56
CA GLU C 205 -2.89 -5.07 21.90
C GLU C 205 -3.21 -3.92 22.88
N GLY C 206 -2.28 -2.97 22.95
CA GLY C 206 -2.50 -1.77 23.72
C GLY C 206 -1.90 -1.82 25.10
N ASP C 207 -1.62 -3.04 25.58
CA ASP C 207 -1.04 -3.20 26.92
C ASP C 207 0.34 -2.58 26.93
N LEU C 208 0.70 -1.98 28.07
CA LEU C 208 2.04 -1.43 28.24
C LEU C 208 2.96 -2.56 28.71
N PHE C 209 4.04 -2.76 27.94
CA PHE C 209 5.00 -3.81 28.20
C PHE C 209 6.31 -3.24 28.74
N VAL C 210 6.59 -3.58 29.99
CA VAL C 210 7.74 -3.06 30.73
C VAL C 210 8.73 -4.20 30.94
N GLN C 211 10.00 -3.92 30.71
CA GLN C 211 11.05 -4.97 30.78
C GLN C 211 12.24 -4.57 31.69
N LYS C 212 12.04 -4.73 32.99
CA LYS C 212 12.98 -4.25 33.98
C LYS C 212 14.35 -4.95 33.89
N ASP C 213 14.36 -6.28 33.81
CA ASP C 213 15.64 -6.99 33.73
C ASP C 213 16.38 -6.62 32.43
N LEU C 214 15.64 -6.49 31.32
CA LEU C 214 16.27 -6.06 30.08
C LEU C 214 16.92 -4.69 30.29
N ALA C 215 16.20 -3.77 30.96
CA ALA C 215 16.78 -2.45 31.26
C ALA C 215 18.09 -2.53 32.05
N LYS C 216 18.15 -3.45 33.01
CA LYS C 216 19.36 -3.68 33.80
C LYS C 216 20.53 -4.09 32.93
N THR C 217 20.27 -5.05 32.04
CA THR C 217 21.25 -5.54 31.06
C THR C 217 21.73 -4.41 30.13
N LEU C 218 20.78 -3.65 29.58
CA LEU C 218 21.14 -2.52 28.72
C LEU C 218 21.93 -1.46 29.49
N ASN C 219 21.64 -1.31 30.79
CA ASN C 219 22.40 -0.38 31.61
C ASN C 219 23.85 -0.80 31.84
N GLN C 220 24.09 -2.09 31.93
CA GLN C 220 25.46 -2.60 32.05
C GLN C 220 26.23 -2.32 30.76
N ILE C 221 25.56 -2.52 29.63
CA ILE C 221 26.13 -2.18 28.32
C ILE C 221 26.35 -0.66 28.18
N LYS C 222 25.41 0.13 28.68
CA LYS C 222 25.58 1.58 28.66
C LYS C 222 26.86 1.99 29.42
N THR C 223 27.02 1.47 30.63
CA THR C 223 28.14 1.81 31.51
C THR C 223 29.47 1.25 31.01
N LEU C 224 29.45 -0.03 30.60
CA LEU C 224 30.68 -0.79 30.37
C LEU C 224 30.96 -1.19 28.92
N GLY C 225 30.06 -0.87 28.01
CA GLY C 225 30.22 -1.26 26.61
C GLY C 225 29.92 -2.75 26.43
N ALA C 226 30.47 -3.34 25.38
CA ALA C 226 30.23 -4.76 25.11
C ALA C 226 30.64 -5.64 26.30
N LYS C 227 31.65 -5.19 27.05
CA LYS C 227 32.14 -5.94 28.22
C LYS C 227 31.06 -6.06 29.29
N GLY C 228 30.05 -5.18 29.25
CA GLY C 228 28.90 -5.28 30.14
C GLY C 228 27.96 -6.43 29.78
N PHE C 229 28.16 -7.02 28.60
CA PHE C 229 27.37 -8.19 28.15
C PHE C 229 28.22 -9.44 28.22
N TYR C 230 29.44 -9.35 27.67
CA TYR C 230 30.31 -10.53 27.49
C TYR C 230 31.14 -10.89 28.71
N GLN C 231 31.14 -9.97 29.69
CA GLN C 231 31.87 -10.16 30.94
C GLN C 231 31.04 -9.72 32.13
N GLY C 232 31.59 -9.99 33.32
CA GLY C 232 30.97 -9.57 34.58
C GLY C 232 29.63 -10.20 34.94
N GLN C 233 28.77 -9.42 35.57
CA GLN C 233 27.50 -9.89 36.11
C GLN C 233 26.59 -10.53 35.06
N VAL C 234 26.49 -9.90 33.90
CA VAL C 234 25.63 -10.43 32.82
C VAL C 234 26.15 -11.76 32.25
N ALA C 235 27.46 -11.88 32.01
CA ALA C 235 28.09 -13.14 31.58
C ALA C 235 27.85 -14.24 32.62
N GLU C 236 27.96 -13.90 33.91
CA GLU C 236 27.65 -14.83 34.99
C GLU C 236 26.21 -15.35 34.91
N LEU C 237 25.24 -14.45 34.71
CA LEU C 237 23.84 -14.83 34.59
C LEU C 237 23.67 -15.81 33.42
N ILE C 238 24.32 -15.50 32.30
CA ILE C 238 24.30 -16.36 31.10
C ILE C 238 24.83 -17.76 31.43
N GLU C 239 26.05 -17.84 31.97
CA GLU C 239 26.63 -19.13 32.30
C GLU C 239 25.77 -19.92 33.30
N LYS C 240 25.30 -19.27 34.36
CA LYS C 240 24.49 -19.96 35.38
C LYS C 240 23.19 -20.55 34.84
N ASP C 241 22.49 -19.76 34.02
CA ASP C 241 21.22 -20.20 33.47
C ASP C 241 21.44 -21.36 32.50
N MET C 242 22.46 -21.14 31.59
CA MET C 242 22.94 -22.22 30.72
C MET C 242 23.13 -23.55 31.45
N LYS C 243 23.95 -23.56 32.54
CA LYS C 243 24.22 -24.74 33.35
C LYS C 243 22.96 -25.40 33.92
N LYS C 244 22.06 -24.58 34.55
CA LYS C 244 20.83 -25.01 35.28
C LYS C 244 19.95 -25.89 34.35
N ASN C 245 20.06 -25.54 33.03
CA ASN C 245 19.10 -25.90 31.99
C ASN C 245 19.69 -26.63 30.74
N GLY C 246 20.86 -27.24 30.88
CA GLY C 246 21.44 -28.08 29.78
C GLY C 246 21.94 -27.37 28.51
N GLY C 247 22.22 -26.07 28.58
CA GLY C 247 22.96 -25.38 27.52
C GLY C 247 24.45 -25.54 27.80
N ILE C 248 25.28 -25.11 26.83
CA ILE C 248 26.73 -25.35 26.91
C ILE C 248 27.57 -24.07 26.82
N ILE C 249 26.89 -22.93 26.71
CA ILE C 249 27.54 -21.61 26.67
C ILE C 249 27.99 -21.20 28.08
N THR C 250 29.24 -20.76 28.18
CA THR C 250 29.88 -20.43 29.50
C THR C 250 30.51 -19.06 29.35
N LYS C 251 31.12 -18.57 30.41
CA LYS C 251 31.89 -17.32 30.34
C LYS C 251 33.01 -17.33 29.32
N GLU C 252 33.62 -18.51 29.12
CA GLU C 252 34.67 -18.63 28.12
C GLU C 252 34.17 -18.34 26.71
N ASP C 253 32.99 -18.90 26.36
CA ASP C 253 32.38 -18.68 25.04
C ASP C 253 32.18 -17.19 24.80
N LEU C 254 31.70 -16.53 25.85
CA LEU C 254 31.43 -15.10 25.75
C LEU C 254 32.70 -14.27 25.60
N ALA C 255 33.74 -14.58 26.38
CA ALA C 255 35.01 -13.89 26.23
C ALA C 255 35.67 -14.16 24.88
N SER C 256 35.36 -15.33 24.29
CA SER C 256 35.91 -15.68 22.99
C SER C 256 35.09 -15.13 21.85
N TYR C 257 33.91 -14.56 22.15
CA TYR C 257 33.13 -14.03 21.01
C TYR C 257 33.89 -12.96 20.18
N ASN C 258 33.92 -13.13 18.85
CA ASN C 258 34.62 -12.17 17.97
C ASN C 258 33.80 -11.81 16.73
N VAL C 259 33.63 -10.51 16.48
CA VAL C 259 33.09 -10.06 15.22
C VAL C 259 34.21 -10.18 14.21
N LYS C 260 33.87 -10.16 12.93
CA LYS C 260 34.89 -10.14 11.89
C LYS C 260 34.50 -9.13 10.83
N TRP C 261 35.43 -8.22 10.54
CA TRP C 261 35.27 -7.31 9.41
C TRP C 261 35.66 -8.05 8.14
N ARG C 262 34.77 -8.07 7.16
CA ARG C 262 34.95 -8.86 5.96
C ARG C 262 34.73 -8.02 4.72
N LYS C 263 35.27 -8.47 3.58
CA LYS C 263 34.93 -7.85 2.30
C LYS C 263 33.51 -8.29 1.94
N PRO C 264 32.64 -7.33 1.56
CA PRO C 264 31.34 -7.72 1.06
C PRO C 264 31.55 -8.46 -0.27
N VAL C 265 30.58 -9.27 -0.70
CA VAL C 265 30.57 -9.70 -2.10
C VAL C 265 30.02 -8.58 -2.97
N VAL C 266 30.63 -8.39 -4.13
CA VAL C 266 30.29 -7.30 -5.02
C VAL C 266 30.03 -7.86 -6.41
N GLY C 267 28.97 -7.36 -7.06
CA GLY C 267 28.66 -7.72 -8.43
C GLY C 267 28.10 -6.51 -9.18
N SER C 268 27.50 -6.74 -10.34
CA SER C 268 26.81 -5.69 -11.06
C SER C 268 25.61 -6.27 -11.76
N TYR C 269 24.62 -5.41 -11.99
CA TYR C 269 23.43 -5.81 -12.71
C TYR C 269 22.98 -4.62 -13.53
N ARG C 270 23.10 -4.74 -14.84
CA ARG C 270 22.72 -3.69 -15.79
C ARG C 270 23.29 -2.29 -15.45
N GLY C 271 24.57 -2.28 -15.06
CA GLY C 271 25.31 -1.03 -14.81
C GLY C 271 25.33 -0.59 -13.35
N TYR C 272 24.52 -1.24 -12.50
CA TYR C 272 24.41 -0.85 -11.11
C TYR C 272 25.32 -1.75 -10.31
N LYS C 273 25.96 -1.21 -9.27
CA LYS C 273 26.82 -2.04 -8.42
C LYS C 273 26.04 -2.69 -7.26
N ILE C 274 26.19 -4.00 -7.07
CA ILE C 274 25.49 -4.70 -5.99
C ILE C 274 26.50 -5.03 -4.88
N ILE C 275 26.24 -4.57 -3.65
CA ILE C 275 27.16 -4.81 -2.53
C ILE C 275 26.33 -5.56 -1.49
N SER C 276 26.78 -6.75 -1.10
CA SER C 276 25.93 -7.57 -0.22
C SER C 276 26.77 -8.47 0.74
N MET C 277 26.12 -9.28 1.55
CA MET C 277 26.86 -10.01 2.59
C MET C 277 27.53 -11.27 2.06
N SER C 278 28.80 -11.43 2.41
CA SER C 278 29.64 -12.56 2.05
C SER C 278 29.54 -13.67 3.12
N PRO C 279 30.17 -14.82 2.90
CA PRO C 279 30.17 -15.83 3.96
C PRO C 279 30.59 -15.24 5.32
N PRO C 280 29.95 -15.67 6.41
CA PRO C 280 29.08 -16.83 6.60
C PRO C 280 27.61 -16.68 6.19
N SER C 281 27.23 -15.61 5.47
CA SER C 281 25.94 -15.65 4.81
C SER C 281 26.14 -16.16 3.40
N SER C 282 25.14 -16.88 2.91
CA SER C 282 25.06 -17.25 1.49
C SER C 282 24.32 -16.21 0.69
N GLY C 283 23.72 -15.24 1.38
CA GLY C 283 22.68 -14.42 0.74
C GLY C 283 23.26 -13.59 -0.35
N GLY C 284 24.33 -12.87 -0.03
CA GLY C 284 24.86 -11.96 -1.06
C GLY C 284 25.33 -12.74 -2.30
N THR C 285 26.00 -13.88 -2.07
CA THR C 285 26.53 -14.67 -3.18
C THR C 285 25.43 -15.14 -4.14
N HIS C 286 24.37 -15.74 -3.59
CA HIS C 286 23.29 -16.19 -4.46
C HIS C 286 22.46 -15.07 -5.07
N LEU C 287 22.33 -13.96 -4.35
CA LEU C 287 21.65 -12.76 -4.90
C LEU C 287 22.37 -12.37 -6.19
N ILE C 288 23.69 -12.23 -6.10
CA ILE C 288 24.48 -11.79 -7.26
C ILE C 288 24.45 -12.86 -8.35
N GLN C 289 24.57 -14.13 -7.95
CA GLN C 289 24.52 -15.25 -8.90
C GLN C 289 23.18 -15.27 -9.68
N ILE C 290 22.06 -15.18 -8.96
CA ILE C 290 20.74 -15.21 -9.62
C ILE C 290 20.53 -13.98 -10.54
N LEU C 291 20.85 -12.79 -10.05
CA LEU C 291 20.84 -11.61 -10.90
C LEU C 291 21.75 -11.75 -12.10
N ASN C 292 22.90 -12.39 -11.94
CA ASN C 292 23.80 -12.58 -13.08
C ASN C 292 23.11 -13.41 -14.14
N VAL C 293 22.37 -14.43 -13.74
CA VAL C 293 21.69 -15.28 -14.71
C VAL C 293 20.61 -14.48 -15.42
N MET C 294 19.81 -13.77 -14.63
CA MET C 294 18.73 -12.90 -15.17
C MET C 294 19.20 -11.80 -16.15
N GLU C 295 20.39 -11.27 -15.91
CA GLU C 295 21.00 -10.23 -16.77
C GLU C 295 21.13 -10.64 -18.23
N ASN C 296 21.15 -11.95 -18.47
CA ASN C 296 21.20 -12.48 -19.84
C ASN C 296 19.91 -12.35 -20.62
N ALA C 297 18.80 -12.11 -19.91
CA ALA C 297 17.51 -11.89 -20.56
C ALA C 297 17.14 -10.42 -20.52
N ASP C 298 16.35 -9.95 -21.49
CA ASP C 298 15.86 -8.58 -21.39
C ASP C 298 14.50 -8.62 -20.69
N LEU C 299 14.53 -8.62 -19.36
CA LEU C 299 13.30 -8.68 -18.57
C LEU C 299 12.37 -7.52 -18.82
N SER C 300 12.94 -6.34 -19.04
CA SER C 300 12.13 -5.15 -19.25
C SER C 300 11.19 -5.23 -20.45
N ALA C 301 11.53 -6.03 -21.46
CA ALA C 301 10.68 -6.14 -22.68
C ALA C 301 9.25 -6.55 -22.36
N LEU C 302 9.09 -7.57 -21.52
CA LEU C 302 7.76 -8.08 -21.16
C LEU C 302 7.17 -7.52 -19.87
N GLY C 303 8.06 -7.05 -19.00
CA GLY C 303 7.64 -6.26 -17.85
C GLY C 303 7.28 -7.11 -16.64
N TYR C 304 6.88 -6.45 -15.57
CA TYR C 304 6.62 -7.13 -14.31
C TYR C 304 5.61 -8.27 -14.47
N GLY C 305 5.93 -9.45 -13.91
CA GLY C 305 4.90 -10.52 -13.76
C GLY C 305 4.64 -11.41 -14.97
N ALA C 306 5.44 -11.24 -16.03
CA ALA C 306 5.35 -12.06 -17.25
C ALA C 306 5.89 -13.45 -16.95
N SER C 307 5.16 -14.50 -17.34
CA SER C 307 5.61 -15.86 -17.01
C SER C 307 6.99 -16.15 -17.61
N LYS C 308 7.28 -15.58 -18.77
CA LYS C 308 8.61 -15.77 -19.39
C LYS C 308 9.73 -15.21 -18.53
N ASN C 309 9.45 -14.09 -17.86
CA ASN C 309 10.43 -13.51 -16.93
C ASN C 309 10.53 -14.25 -15.61
N ILE C 310 9.39 -14.72 -15.12
CA ILE C 310 9.35 -15.46 -13.87
C ILE C 310 10.12 -16.78 -14.07
N HIS C 311 9.92 -17.42 -15.21
CA HIS C 311 10.66 -18.67 -15.54
C HIS C 311 12.17 -18.52 -15.45
N ILE C 312 12.72 -17.47 -16.07
CA ILE C 312 14.16 -17.29 -16.02
C ILE C 312 14.68 -17.10 -14.60
N ALA C 313 13.99 -16.25 -13.85
CA ALA C 313 14.35 -16.01 -12.48
C ALA C 313 14.25 -17.27 -11.63
N ALA C 314 13.14 -18.00 -11.76
CA ALA C 314 12.88 -19.21 -10.97
C ALA C 314 13.89 -20.33 -11.28
N GLU C 315 14.27 -20.46 -12.56
CA GLU C 315 15.21 -21.54 -12.92
C GLU C 315 16.62 -21.17 -12.42
N ALA C 316 16.94 -19.87 -12.41
CA ALA C 316 18.19 -19.37 -11.80
C ALA C 316 18.22 -19.64 -10.31
N MET C 317 17.10 -19.34 -9.63
CA MET C 317 16.94 -19.65 -8.20
C MET C 317 17.18 -21.12 -7.92
N ARG C 318 16.56 -21.98 -8.74
CA ARG C 318 16.62 -23.43 -8.56
C ARG C 318 18.08 -23.87 -8.52
N GLN C 319 18.85 -23.45 -9.52
CA GLN C 319 20.26 -23.83 -9.56
C GLN C 319 21.04 -23.24 -8.39
N ALA C 320 20.78 -21.98 -8.05
CA ALA C 320 21.50 -21.34 -6.94
C ALA C 320 21.27 -22.08 -5.62
N TYR C 321 20.02 -22.41 -5.32
CA TYR C 321 19.76 -23.14 -4.06
C TYR C 321 20.33 -24.56 -4.04
N ALA C 322 20.37 -25.23 -5.18
CA ALA C 322 21.09 -26.50 -5.26
C ALA C 322 22.56 -26.29 -4.91
N ASP C 323 23.15 -25.27 -5.52
CA ASP C 323 24.55 -24.95 -5.23
C ASP C 323 24.74 -24.69 -3.73
N ARG C 324 23.84 -23.91 -3.15
CA ARG C 324 23.94 -23.56 -1.73
C ARG C 324 24.07 -24.80 -0.86
N SER C 325 23.29 -25.84 -1.19
CA SER C 325 23.24 -27.06 -0.34
C SER C 325 24.56 -27.84 -0.24
N VAL C 326 25.44 -27.64 -1.22
CA VAL C 326 26.72 -28.31 -1.28
C VAL C 326 27.89 -27.39 -0.94
N TYR C 327 27.85 -26.17 -1.44
CA TYR C 327 29.04 -25.32 -1.47
C TYR C 327 29.17 -24.24 -0.42
N MET C 328 28.11 -23.98 0.32
CA MET C 328 28.10 -22.85 1.21
C MET C 328 28.23 -23.21 2.65
N GLY C 329 29.06 -22.45 3.36
CA GLY C 329 29.24 -22.63 4.78
C GLY C 329 30.08 -21.48 5.25
N ASP C 330 30.46 -21.50 6.51
CA ASP C 330 31.42 -20.54 7.06
C ASP C 330 32.76 -20.77 6.42
N ALA C 331 33.18 -19.82 5.59
CA ALA C 331 34.42 -19.95 4.80
C ALA C 331 35.70 -19.94 5.64
N ASP C 332 35.59 -19.53 6.90
CA ASP C 332 36.74 -19.67 7.82
C ASP C 332 37.03 -21.15 8.16
N PHE C 333 36.06 -22.02 7.93
CA PHE C 333 36.14 -23.43 8.34
C PHE C 333 36.10 -24.43 7.19
N VAL C 334 35.48 -24.02 6.08
CA VAL C 334 35.43 -24.86 4.89
C VAL C 334 35.73 -24.00 3.66
N SER C 335 36.13 -24.65 2.57
N SER C 335 36.11 -24.64 2.56
CA SER C 335 36.33 -23.96 1.29
CA SER C 335 36.40 -23.92 1.30
C SER C 335 34.99 -23.57 0.70
C SER C 335 35.11 -23.58 0.53
N VAL C 336 34.84 -22.29 0.39
CA VAL C 336 33.61 -21.80 -0.25
C VAL C 336 33.98 -21.08 -1.56
N PRO C 337 33.50 -21.58 -2.71
CA PRO C 337 33.93 -20.99 -3.98
C PRO C 337 33.14 -19.74 -4.34
N VAL C 338 33.25 -18.70 -3.50
CA VAL C 338 32.47 -17.47 -3.72
C VAL C 338 32.75 -16.87 -5.09
N ASP C 339 34.03 -16.75 -5.43
CA ASP C 339 34.37 -16.05 -6.68
C ASP C 339 33.81 -16.77 -7.91
N LYS C 340 33.79 -18.10 -7.87
CA LYS C 340 33.19 -18.88 -8.95
C LYS C 340 31.67 -18.77 -9.00
N LEU C 341 31.03 -18.76 -7.82
CA LEU C 341 29.57 -18.59 -7.78
C LEU C 341 29.10 -17.23 -8.28
N ILE C 342 29.91 -16.18 -8.12
CA ILE C 342 29.44 -14.85 -8.55
C ILE C 342 30.01 -14.42 -9.90
N ASN C 343 30.80 -15.31 -10.53
CA ASN C 343 31.37 -15.09 -11.86
C ASN C 343 30.27 -15.08 -12.91
N LYS C 344 30.27 -14.07 -13.77
CA LYS C 344 29.22 -13.98 -14.78
C LYS C 344 29.31 -15.11 -15.81
N ALA C 345 30.49 -15.74 -15.91
CA ALA C 345 30.67 -16.83 -16.88
C ALA C 345 29.94 -18.08 -16.40
N TYR C 346 29.94 -18.33 -15.09
CA TYR C 346 29.18 -19.43 -14.50
C TYR C 346 27.67 -19.15 -14.67
N ALA C 347 27.27 -17.93 -14.40
CA ALA C 347 25.86 -17.55 -14.63
C ALA C 347 25.40 -17.69 -16.08
N LYS C 348 26.28 -17.40 -17.04
CA LYS C 348 25.98 -17.58 -18.48
C LYS C 348 25.81 -19.07 -18.81
N LYS C 349 26.65 -19.92 -18.24
CA LYS C 349 26.44 -21.34 -18.36
C LYS C 349 25.09 -21.82 -17.79
N ILE C 350 24.69 -21.32 -16.61
CA ILE C 350 23.36 -21.61 -16.04
C ILE C 350 22.26 -21.13 -16.99
N PHE C 351 22.36 -19.87 -17.43
CA PHE C 351 21.40 -19.33 -18.38
C PHE C 351 21.28 -20.24 -19.62
N ASP C 352 22.42 -20.67 -20.16
CA ASP C 352 22.41 -21.53 -21.34
C ASP C 352 21.66 -22.84 -21.13
N THR C 353 21.72 -23.39 -19.91
CA THR C 353 21.06 -24.67 -19.61
C THR C 353 19.58 -24.54 -19.40
N ILE C 354 19.10 -23.31 -19.21
CA ILE C 354 17.68 -23.07 -19.02
C ILE C 354 17.01 -23.11 -20.39
N GLN C 355 16.13 -24.08 -20.57
CA GLN C 355 15.48 -24.33 -21.86
C GLN C 355 14.19 -23.55 -21.91
N PRO C 356 13.87 -22.94 -23.06
CA PRO C 356 12.65 -22.15 -23.13
C PRO C 356 11.40 -23.00 -22.82
N ASP C 357 10.43 -22.40 -22.13
CA ASP C 357 9.13 -23.03 -21.88
C ASP C 357 9.11 -24.28 -21.01
N THR C 358 10.25 -24.64 -20.44
CA THR C 358 10.27 -25.82 -19.58
C THR C 358 11.19 -25.70 -18.36
N VAL C 359 10.75 -26.29 -17.24
CA VAL C 359 11.60 -26.39 -16.06
C VAL C 359 12.58 -27.53 -16.16
N THR C 360 13.63 -27.47 -15.34
CA THR C 360 14.42 -28.65 -15.02
C THR C 360 13.92 -29.12 -13.65
N PRO C 361 13.32 -30.33 -13.57
CA PRO C 361 12.93 -30.78 -12.23
C PRO C 361 14.12 -30.79 -11.29
N SER C 362 13.91 -30.43 -10.02
CA SER C 362 15.01 -30.39 -9.04
C SER C 362 15.81 -31.66 -8.94
N SER C 363 15.16 -32.79 -9.14
CA SER C 363 15.84 -34.08 -9.03
C SER C 363 16.92 -34.20 -10.11
N GLN C 364 16.79 -33.40 -11.18
CA GLN C 364 17.77 -33.44 -12.29
C GLN C 364 18.88 -32.39 -12.18
N ILE C 365 18.79 -31.52 -11.19
CA ILE C 365 19.76 -30.42 -11.05
C ILE C 365 21.02 -30.97 -10.44
N LYS C 366 22.16 -30.50 -10.93
CA LYS C 366 23.45 -30.89 -10.39
C LYS C 366 24.10 -29.68 -9.74
N PRO C 367 24.25 -29.67 -8.40
CA PRO C 367 24.95 -28.54 -7.78
C PRO C 367 26.29 -28.30 -8.44
N GLY C 368 26.54 -27.05 -8.83
CA GLY C 368 27.81 -26.65 -9.44
C GLY C 368 27.91 -26.87 -10.92
N MET C 369 27.01 -27.70 -11.47
CA MET C 369 26.92 -27.99 -12.91
C MET C 369 28.26 -28.41 -13.52
N GLY C 370 29.11 -29.07 -12.75
CA GLY C 370 30.38 -29.50 -13.30
C GLY C 370 31.44 -28.41 -13.33
N GLN C 371 31.11 -27.24 -12.77
CA GLN C 371 31.96 -26.06 -12.86
C GLN C 371 32.70 -25.76 -11.56
N LEU C 372 32.30 -26.43 -10.47
CA LEU C 372 32.87 -26.11 -9.16
C LEU C 372 33.73 -27.24 -8.55
N HIS C 373 34.14 -28.19 -9.39
CA HIS C 373 35.12 -29.22 -8.99
C HIS C 373 36.56 -28.69 -9.04
N GLU C 374 37.23 -28.67 -7.88
CA GLU C 374 38.69 -28.44 -7.84
C GLU C 374 39.40 -29.79 -7.91
N GLY C 375 39.45 -30.34 -9.13
CA GLY C 375 39.95 -31.70 -9.33
C GLY C 375 39.00 -32.73 -8.76
N SER C 376 39.56 -33.69 -8.03
CA SER C 376 38.77 -34.77 -7.44
C SER C 376 38.40 -34.50 -5.98
N ASN C 377 38.54 -33.23 -5.56
CA ASN C 377 38.10 -32.79 -4.24
C ASN C 377 36.60 -32.94 -4.10
N THR D 1 14.90 -11.73 13.41
CA THR D 1 14.66 -11.79 11.92
C THR D 1 13.98 -10.48 11.43
N THR D 2 14.82 -9.46 11.30
CA THR D 2 14.34 -8.12 10.96
C THR D 2 15.49 -7.40 10.25
N HIS D 3 15.12 -6.48 9.35
CA HIS D 3 16.09 -5.75 8.58
C HIS D 3 15.85 -4.27 8.76
N TYR D 4 16.92 -3.48 8.86
CA TYR D 4 16.71 -2.02 8.85
C TYR D 4 17.75 -1.36 7.99
N SER D 5 17.40 -0.20 7.42
CA SER D 5 18.23 0.49 6.44
C SER D 5 18.42 1.93 6.87
N VAL D 6 19.66 2.43 6.76
CA VAL D 6 19.95 3.84 7.12
C VAL D 6 20.78 4.51 6.03
N ALA D 7 20.45 5.73 5.67
CA ALA D 7 21.31 6.47 4.76
C ALA D 7 21.33 7.90 5.25
N ASP D 8 22.52 8.51 5.29
CA ASP D 8 22.68 9.86 5.86
C ASP D 8 23.10 10.90 4.82
N ARG D 9 23.20 12.14 5.27
CA ARG D 9 23.52 13.25 4.35
C ARG D 9 24.95 13.27 3.82
N TRP D 10 25.85 12.54 4.46
CA TRP D 10 27.24 12.55 4.03
C TRP D 10 27.51 11.49 2.95
N GLY D 11 26.54 10.61 2.74
CA GLY D 11 26.65 9.58 1.71
C GLY D 11 26.95 8.21 2.27
N ASN D 12 26.86 8.05 3.58
CA ASN D 12 27.03 6.71 4.18
C ASN D 12 25.73 5.97 4.05
N ALA D 13 25.81 4.66 3.91
CA ALA D 13 24.62 3.83 3.98
C ALA D 13 24.95 2.59 4.80
N VAL D 14 23.99 2.17 5.64
CA VAL D 14 24.18 1.01 6.52
C VAL D 14 22.94 0.13 6.35
N SER D 15 23.16 -1.12 6.01
CA SER D 15 22.08 -2.09 5.81
C SER D 15 22.30 -3.22 6.79
N VAL D 16 21.37 -3.41 7.73
CA VAL D 16 21.58 -4.35 8.85
C VAL D 16 20.46 -5.38 8.86
N THR D 17 20.80 -6.67 8.74
CA THR D 17 19.80 -7.71 9.02
C THR D 17 20.30 -8.45 10.22
N TYR D 18 19.45 -8.61 11.21
CA TYR D 18 19.89 -9.31 12.43
C TYR D 18 18.72 -10.04 13.06
N THR D 19 19.00 -10.96 14.00
CA THR D 19 17.98 -11.98 14.27
C THR D 19 18.29 -12.82 15.48
N ILE D 20 17.24 -13.46 16.03
CA ILE D 20 17.40 -14.58 16.95
C ILE D 20 16.92 -15.87 16.31
N ASN D 21 16.77 -15.80 14.99
CA ASN D 21 16.35 -16.86 14.07
C ASN D 21 14.85 -17.01 14.01
N ALA D 22 14.27 -18.02 14.69
CA ALA D 22 12.80 -18.14 14.69
C ALA D 22 12.13 -16.95 15.38
N SER D 23 10.82 -16.81 15.21
CA SER D 23 10.05 -15.84 15.97
C SER D 23 10.27 -16.15 17.46
N TYR D 24 10.84 -15.16 18.18
CA TYR D 24 11.20 -15.26 19.61
C TYR D 24 12.35 -16.26 19.84
N GLY D 25 13.08 -16.55 18.76
CA GLY D 25 14.30 -17.38 18.86
C GLY D 25 14.00 -18.74 19.45
N SER D 26 14.84 -19.16 20.42
CA SER D 26 14.68 -20.47 21.13
C SER D 26 13.52 -20.49 22.09
N ALA D 27 12.89 -19.33 22.28
CA ALA D 27 11.83 -19.12 23.27
C ALA D 27 12.28 -19.15 24.74
N ALA D 28 13.58 -19.34 24.96
CA ALA D 28 14.20 -19.36 26.30
C ALA D 28 14.94 -18.04 26.52
N SER D 29 14.72 -17.42 27.68
CA SER D 29 15.34 -16.17 28.07
C SER D 29 16.44 -16.43 29.09
N ILE D 30 17.42 -15.53 29.14
CA ILE D 30 18.44 -15.65 30.21
C ILE D 30 17.86 -15.02 31.49
N ASP D 31 17.58 -15.88 32.48
CA ASP D 31 17.02 -15.42 33.74
C ASP D 31 17.92 -14.35 34.39
N GLY D 32 17.29 -13.27 34.81
CA GLY D 32 17.96 -12.12 35.40
C GLY D 32 18.45 -11.09 34.39
N ALA D 33 18.40 -11.42 33.10
CA ALA D 33 18.91 -10.51 32.08
C ALA D 33 17.85 -10.05 31.09
N GLY D 34 16.69 -10.71 31.06
CA GLY D 34 15.54 -10.19 30.31
C GLY D 34 15.57 -10.37 28.81
N PHE D 35 16.52 -11.12 28.28
CA PHE D 35 16.60 -11.28 26.83
C PHE D 35 16.44 -12.72 26.34
N LEU D 36 15.84 -12.86 25.15
CA LEU D 36 15.64 -14.17 24.52
C LEU D 36 16.89 -14.66 23.85
N LEU D 37 17.17 -15.96 24.01
CA LEU D 37 18.26 -16.63 23.30
C LEU D 37 17.86 -16.95 21.87
N ASN D 38 18.79 -16.75 20.95
CA ASN D 38 18.62 -17.26 19.58
C ASN D 38 18.47 -18.80 19.49
N ASN D 39 17.81 -19.26 18.42
CA ASN D 39 17.98 -20.66 18.01
C ASN D 39 18.74 -20.77 16.68
N GLU D 40 19.86 -20.05 16.61
CA GLU D 40 20.63 -20.00 15.38
C GLU D 40 21.32 -21.32 15.05
N MET D 41 21.44 -22.19 16.04
CA MET D 41 22.08 -23.48 15.74
C MET D 41 21.33 -24.29 14.67
N ASP D 42 20.03 -24.02 14.50
CA ASP D 42 19.24 -24.75 13.51
C ASP D 42 19.61 -24.31 12.09
N ASP D 43 20.42 -23.26 11.97
CA ASP D 43 20.89 -22.84 10.64
C ASP D 43 22.09 -23.66 10.15
N PHE D 44 22.70 -24.43 11.04
CA PHE D 44 23.61 -25.51 10.64
C PHE D 44 22.84 -26.63 9.98
N SER D 45 23.54 -27.49 9.25
CA SER D 45 22.99 -28.79 8.92
C SER D 45 23.30 -29.69 10.12
N ILE D 46 22.26 -30.17 10.79
CA ILE D 46 22.46 -30.97 12.01
C ILE D 46 22.59 -32.46 11.69
N LYS D 47 22.22 -32.80 10.45
CA LYS D 47 22.33 -34.17 9.91
C LYS D 47 22.29 -34.03 8.38
N PRO D 48 23.21 -34.69 7.64
CA PRO D 48 23.16 -34.47 6.19
C PRO D 48 21.78 -34.75 5.60
N GLY D 49 21.27 -33.80 4.81
CA GLY D 49 20.00 -33.98 4.10
C GLY D 49 18.75 -33.70 4.92
N ASN D 50 18.93 -33.47 6.23
CA ASN D 50 17.82 -33.05 7.08
C ASN D 50 17.41 -31.62 6.76
N PRO D 51 16.11 -31.39 6.46
CA PRO D 51 15.64 -30.02 6.21
C PRO D 51 15.45 -29.25 7.52
N ASN D 52 16.00 -28.03 7.59
CA ASN D 52 15.84 -27.18 8.77
C ASN D 52 14.50 -26.44 8.75
N LEU D 53 14.36 -25.44 9.63
CA LEU D 53 13.09 -24.67 9.72
C LEU D 53 12.63 -24.07 8.41
N TYR D 54 13.58 -23.77 7.52
CA TYR D 54 13.28 -23.16 6.22
C TYR D 54 13.34 -24.13 5.07
N GLY D 55 13.44 -25.42 5.40
CA GLY D 55 13.49 -26.47 4.38
C GLY D 55 14.82 -26.51 3.63
N LEU D 56 15.83 -25.85 4.20
CA LEU D 56 17.19 -25.85 3.65
C LEU D 56 17.96 -27.09 4.10
N VAL D 57 18.84 -27.56 3.23
CA VAL D 57 19.61 -28.79 3.54
C VAL D 57 21.10 -28.54 3.34
N GLY D 58 21.92 -29.44 3.87
CA GLY D 58 23.37 -29.32 3.74
C GLY D 58 24.09 -30.65 3.94
N GLY D 59 25.41 -30.57 3.99
CA GLY D 59 26.27 -31.72 4.17
C GLY D 59 27.47 -31.29 4.98
N ASP D 60 28.67 -31.48 4.42
CA ASP D 60 29.91 -31.13 5.10
C ASP D 60 30.13 -29.64 5.30
N ALA D 61 29.89 -28.85 4.26
CA ALA D 61 30.27 -27.43 4.34
C ALA D 61 29.62 -26.71 5.53
N ASN D 62 28.32 -26.97 5.76
CA ASN D 62 27.55 -26.30 6.80
C ASN D 62 27.29 -27.23 8.00
N ALA D 63 28.17 -28.21 8.20
CA ALA D 63 28.11 -29.04 9.40
C ALA D 63 28.61 -28.27 10.64
N ILE D 64 28.15 -28.70 11.82
CA ILE D 64 28.50 -28.03 13.06
C ILE D 64 29.96 -28.35 13.39
N GLU D 65 30.73 -27.29 13.65
CA GLU D 65 32.05 -27.38 14.27
C GLU D 65 32.12 -26.31 15.35
N ALA D 66 32.84 -26.62 16.45
CA ALA D 66 32.97 -25.59 17.50
C ALA D 66 33.49 -24.28 16.91
N ASN D 67 32.89 -23.16 17.35
CA ASN D 67 33.32 -21.78 16.97
C ASN D 67 32.93 -21.34 15.58
N LYS D 68 32.39 -22.27 14.81
CA LYS D 68 32.00 -22.01 13.42
C LYS D 68 30.68 -21.24 13.41
N ARG D 69 30.47 -20.41 12.39
CA ARG D 69 29.24 -19.64 12.29
C ARG D 69 28.24 -20.40 11.40
N PRO D 70 26.97 -20.58 11.87
CA PRO D 70 26.02 -21.28 11.02
C PRO D 70 25.69 -20.48 9.76
N LEU D 71 25.57 -21.16 8.63
CA LEU D 71 25.31 -20.48 7.35
C LEU D 71 23.99 -19.67 7.43
N SER D 72 24.01 -18.43 6.91
CA SER D 72 22.81 -17.60 6.89
C SER D 72 22.30 -17.39 5.46
N SER D 73 21.06 -16.92 5.32
CA SER D 73 20.61 -16.43 4.02
C SER D 73 20.46 -14.92 4.07
N MET D 74 20.79 -14.29 5.21
CA MET D 74 20.55 -12.84 5.30
C MET D 74 21.33 -12.05 4.23
N SER D 75 20.64 -11.09 3.62
CA SER D 75 21.17 -10.41 2.44
C SER D 75 21.05 -8.89 2.58
N PRO D 76 21.64 -8.31 3.65
CA PRO D 76 21.63 -6.84 3.68
C PRO D 76 22.47 -6.33 2.51
N THR D 77 21.89 -5.45 1.71
CA THR D 77 22.44 -5.07 0.40
C THR D 77 22.38 -3.56 0.21
N ILE D 78 23.36 -3.08 -0.52
CA ILE D 78 23.40 -1.69 -0.98
C ILE D 78 23.64 -1.74 -2.47
N VAL D 79 22.85 -0.95 -3.21
CA VAL D 79 23.03 -0.82 -4.65
C VAL D 79 23.53 0.60 -4.93
N LEU D 80 24.56 0.72 -5.79
CA LEU D 80 25.12 2.02 -6.17
C LEU D 80 24.81 2.27 -7.63
N LYS D 81 24.62 3.53 -7.97
CA LYS D 81 24.45 3.94 -9.37
C LYS D 81 25.42 5.09 -9.56
N ASN D 82 26.32 4.94 -10.53
CA ASN D 82 27.37 5.92 -10.80
C ASN D 82 28.14 6.28 -9.54
N ASN D 83 28.41 5.26 -8.73
CA ASN D 83 29.20 5.38 -7.50
C ASN D 83 28.49 5.98 -6.28
N LYS D 84 27.21 6.31 -6.42
CA LYS D 84 26.51 6.92 -5.31
C LYS D 84 25.48 5.93 -4.81
N VAL D 85 25.08 6.05 -3.56
CA VAL D 85 24.01 5.21 -3.04
C VAL D 85 22.73 5.38 -3.90
N PHE D 86 22.14 4.25 -4.27
CA PHE D 86 20.91 4.22 -5.05
C PHE D 86 19.84 3.46 -4.23
N LEU D 87 20.15 2.27 -3.70
CA LEU D 87 19.24 1.50 -2.86
C LEU D 87 19.93 0.97 -1.62
N VAL D 88 19.23 0.99 -0.50
CA VAL D 88 19.61 0.29 0.74
C VAL D 88 18.45 -0.66 1.01
N VAL D 89 18.71 -1.96 1.02
CA VAL D 89 17.59 -2.96 0.98
C VAL D 89 17.97 -4.24 1.72
N GLY D 90 16.95 -4.88 2.28
CA GLY D 90 17.12 -6.19 2.91
C GLY D 90 15.79 -6.64 3.42
N SER D 91 15.77 -7.85 3.94
CA SER D 91 14.53 -8.45 4.43
C SER D 91 14.80 -9.63 5.36
N PRO D 92 13.84 -9.91 6.27
CA PRO D 92 13.83 -11.23 6.90
C PRO D 92 13.13 -12.25 6.03
N GLY D 93 13.13 -13.51 6.51
CA GLY D 93 12.39 -14.62 5.90
C GLY D 93 13.20 -15.88 5.64
N GLY D 94 14.30 -16.05 6.37
CA GLY D 94 15.19 -17.21 6.14
C GLY D 94 15.51 -17.49 4.69
N SER D 95 15.16 -18.68 4.20
CA SER D 95 15.46 -19.04 2.82
C SER D 95 14.90 -18.05 1.82
N ARG D 96 13.80 -17.39 2.18
CA ARG D 96 13.10 -16.50 1.25
C ARG D 96 13.77 -15.14 1.10
N ILE D 97 14.76 -14.85 1.95
CA ILE D 97 15.35 -13.52 1.94
C ILE D 97 15.99 -13.25 0.58
N ILE D 98 16.78 -14.21 0.11
CA ILE D 98 17.55 -14.03 -1.14
C ILE D 98 16.62 -13.63 -2.29
N THR D 99 15.52 -14.38 -2.42
CA THR D 99 14.55 -14.15 -3.49
C THR D 99 13.77 -12.86 -3.30
N THR D 100 13.39 -12.56 -2.06
CA THR D 100 12.68 -11.30 -1.78
C THR D 100 13.55 -10.11 -2.17
N VAL D 101 14.80 -10.08 -1.71
CA VAL D 101 15.66 -8.93 -2.01
C VAL D 101 15.93 -8.79 -3.50
N LEU D 102 16.23 -9.89 -4.20
CA LEU D 102 16.49 -9.75 -5.64
C LEU D 102 15.27 -9.29 -6.43
N GLN D 103 14.08 -9.69 -6.00
CA GLN D 103 12.87 -9.18 -6.67
C GLN D 103 12.69 -7.69 -6.49
N VAL D 104 12.91 -7.19 -5.27
CA VAL D 104 12.82 -5.74 -5.05
C VAL D 104 13.80 -4.99 -5.95
N ILE D 105 15.04 -5.43 -5.97
CA ILE D 105 16.04 -4.83 -6.86
C ILE D 105 15.68 -4.89 -8.35
N SER D 106 15.20 -6.03 -8.81
CA SER D 106 14.75 -6.22 -10.18
C SER D 106 13.55 -5.33 -10.52
N ASN D 107 12.60 -5.26 -9.60
CA ASN D 107 11.47 -4.37 -9.82
C ASN D 107 11.90 -2.94 -10.11
N VAL D 108 12.93 -2.46 -9.41
CA VAL D 108 13.38 -1.05 -9.61
C VAL D 108 14.14 -0.98 -10.94
N ILE D 109 15.13 -1.87 -11.09
CA ILE D 109 16.04 -1.76 -12.22
C ILE D 109 15.42 -2.23 -13.55
N ASP D 110 14.74 -3.36 -13.52
CA ASP D 110 14.15 -3.91 -14.74
C ASP D 110 12.83 -3.24 -15.09
N TYR D 111 12.00 -2.95 -14.09
CA TYR D 111 10.64 -2.51 -14.37
C TYR D 111 10.37 -1.06 -14.04
N ASN D 112 11.39 -0.35 -13.57
CA ASN D 112 11.30 1.09 -13.24
C ASN D 112 10.22 1.41 -12.22
N MET D 113 10.02 0.50 -11.28
CA MET D 113 9.12 0.76 -10.16
C MET D 113 9.81 1.70 -9.20
N ASN D 114 9.06 2.61 -8.58
CA ASN D 114 9.66 3.37 -7.49
C ASN D 114 9.80 2.43 -6.28
N ILE D 115 10.45 2.88 -5.21
CA ILE D 115 10.77 1.91 -4.14
C ILE D 115 9.48 1.36 -3.48
N SER D 116 8.46 2.18 -3.38
CA SER D 116 7.23 1.71 -2.77
C SER D 116 6.54 0.61 -3.60
N GLU D 117 6.40 0.86 -4.91
CA GLU D 117 5.91 -0.15 -5.85
C GLU D 117 6.74 -1.43 -5.85
N ALA D 118 8.05 -1.26 -5.83
CA ALA D 118 9.00 -2.38 -5.84
C ALA D 118 8.83 -3.31 -4.61
N VAL D 119 8.60 -2.70 -3.47
CA VAL D 119 8.35 -3.45 -2.23
C VAL D 119 6.94 -4.07 -2.16
N SER D 120 5.93 -3.35 -2.63
N SER D 120 5.93 -3.34 -2.62
CA SER D 120 4.57 -3.88 -2.52
CA SER D 120 4.57 -3.86 -2.53
C SER D 120 4.25 -4.99 -3.53
C SER D 120 4.36 -5.06 -3.47
N ALA D 121 4.99 -5.01 -4.66
CA ALA D 121 4.73 -5.97 -5.73
C ALA D 121 4.77 -7.43 -5.23
N PRO D 122 3.79 -8.25 -5.65
CA PRO D 122 3.81 -9.66 -5.20
C PRO D 122 5.12 -10.35 -5.52
N ARG D 123 5.51 -11.26 -4.62
CA ARG D 123 6.75 -12.00 -4.75
C ARG D 123 6.52 -13.51 -4.99
N PHE D 124 7.42 -14.11 -5.76
CA PHE D 124 7.46 -15.58 -5.91
C PHE D 124 8.78 -16.10 -5.37
N HIS D 125 8.89 -17.42 -5.29
CA HIS D 125 10.02 -18.03 -4.63
C HIS D 125 10.21 -19.49 -5.07
N MET D 126 11.46 -19.86 -5.33
CA MET D 126 11.83 -21.21 -5.76
C MET D 126 13.13 -21.46 -5.03
N GLN D 127 13.15 -22.52 -4.22
CA GLN D 127 14.36 -22.82 -3.47
C GLN D 127 14.84 -24.26 -3.73
N TRP D 128 14.46 -24.81 -4.88
CA TRP D 128 14.93 -26.12 -5.37
C TRP D 128 14.30 -27.31 -4.60
N LEU D 129 14.53 -27.41 -3.29
CA LEU D 129 13.76 -28.32 -2.37
C LEU D 129 13.10 -27.46 -1.30
N PRO D 130 11.74 -27.50 -1.22
CA PRO D 130 10.87 -28.34 -2.03
C PRO D 130 10.76 -27.82 -3.48
N ASP D 131 10.43 -28.73 -4.39
CA ASP D 131 10.35 -28.38 -5.82
C ASP D 131 8.98 -27.77 -6.11
N GLU D 132 8.86 -26.49 -5.79
CA GLU D 132 7.57 -25.81 -5.90
C GLU D 132 7.84 -24.36 -6.19
N LEU D 133 6.91 -23.73 -6.89
CA LEU D 133 6.96 -22.29 -7.09
C LEU D 133 5.99 -21.67 -6.10
N ARG D 134 6.55 -21.11 -5.04
CA ARG D 134 5.77 -20.47 -4.00
C ARG D 134 5.32 -19.05 -4.35
N ILE D 135 4.04 -18.78 -4.17
CA ILE D 135 3.52 -17.45 -4.50
C ILE D 135 2.68 -16.90 -3.36
N GLU D 136 2.17 -15.68 -3.55
CA GLU D 136 1.38 -15.02 -2.53
C GLU D 136 -0.07 -14.87 -2.99
N LYS D 137 -0.98 -14.78 -2.02
CA LYS D 137 -2.38 -14.62 -2.33
C LYS D 137 -2.59 -13.35 -3.18
N PHE D 138 -3.34 -13.51 -4.26
CA PHE D 138 -3.59 -12.44 -5.23
C PHE D 138 -2.35 -11.99 -5.99
N GLY D 139 -1.26 -12.73 -5.88
CA GLY D 139 0.00 -12.34 -6.53
C GLY D 139 0.18 -12.70 -7.99
N MET D 140 -0.59 -13.67 -8.47
CA MET D 140 -0.44 -14.15 -9.84
C MET D 140 -1.82 -14.55 -10.35
N PRO D 141 -2.21 -14.01 -11.52
CA PRO D 141 -3.49 -14.32 -12.14
C PRO D 141 -3.46 -15.66 -12.85
N ALA D 142 -4.67 -16.17 -13.11
CA ALA D 142 -4.87 -17.51 -13.68
C ALA D 142 -4.02 -17.73 -14.94
N ASP D 143 -4.05 -16.76 -15.84
CA ASP D 143 -3.33 -16.87 -17.11
C ASP D 143 -1.85 -17.16 -16.88
N VAL D 144 -1.24 -16.49 -15.90
CA VAL D 144 0.20 -16.63 -15.61
C VAL D 144 0.44 -17.97 -14.95
N LYS D 145 -0.38 -18.25 -13.93
CA LYS D 145 -0.33 -19.57 -13.30
C LYS D 145 -0.47 -20.70 -14.31
N ASP D 146 -1.42 -20.61 -15.25
CA ASP D 146 -1.63 -21.69 -16.21
C ASP D 146 -0.41 -21.90 -17.09
N ASN D 147 0.20 -20.81 -17.52
CA ASN D 147 1.39 -20.91 -18.35
C ASN D 147 2.57 -21.48 -17.56
N LEU D 148 2.75 -21.05 -16.30
CA LEU D 148 3.85 -21.59 -15.49
C LEU D 148 3.61 -23.07 -15.14
N THR D 149 2.35 -23.44 -14.90
CA THR D 149 2.02 -24.84 -14.62
C THR D 149 2.38 -25.70 -15.85
N LYS D 150 1.98 -25.23 -17.03
CA LYS D 150 2.30 -25.94 -18.28
C LYS D 150 3.80 -26.06 -18.58
N MET D 151 4.60 -25.16 -18.03
CA MET D 151 6.06 -25.28 -18.08
C MET D 151 6.60 -26.37 -17.18
N GLY D 152 5.82 -26.72 -16.16
CA GLY D 152 6.26 -27.74 -15.21
C GLY D 152 6.36 -27.26 -13.78
N TYR D 153 6.00 -25.99 -13.51
CA TYR D 153 5.95 -25.53 -12.11
C TYR D 153 4.79 -26.12 -11.34
N GLN D 154 5.08 -26.52 -10.11
CA GLN D 154 4.03 -26.81 -9.15
C GLN D 154 3.83 -25.58 -8.27
N ILE D 155 2.75 -24.85 -8.50
CA ILE D 155 2.50 -23.57 -7.84
C ILE D 155 1.79 -23.79 -6.51
N VAL D 156 2.28 -23.13 -5.48
CA VAL D 156 1.66 -23.22 -4.17
C VAL D 156 1.52 -21.79 -3.62
N THR D 157 0.33 -21.47 -3.10
CA THR D 157 0.09 -20.18 -2.44
C THR D 157 0.33 -20.37 -0.92
N LYS D 158 1.20 -19.53 -0.39
CA LYS D 158 1.60 -19.61 1.00
C LYS D 158 1.61 -18.19 1.60
N PRO D 159 1.82 -18.06 2.92
CA PRO D 159 1.75 -16.74 3.54
C PRO D 159 2.73 -15.75 2.93
N VAL D 160 2.47 -14.46 3.09
CA VAL D 160 3.32 -13.46 2.44
C VAL D 160 4.75 -13.58 2.94
N MET D 161 5.68 -13.25 2.04
CA MET D 161 7.10 -13.44 2.30
C MET D 161 7.79 -12.09 2.50
N GLY D 162 8.39 -11.93 3.68
CA GLY D 162 9.37 -10.87 3.93
C GLY D 162 8.82 -9.63 4.64
N ASP D 163 9.71 -8.69 4.90
CA ASP D 163 9.38 -7.43 5.51
C ASP D 163 10.52 -6.50 5.17
N VAL D 164 10.44 -5.95 3.96
CA VAL D 164 11.50 -5.14 3.38
C VAL D 164 11.37 -3.72 3.88
N ASN D 165 12.45 -3.23 4.46
CA ASN D 165 12.63 -1.81 4.73
C ASN D 165 13.72 -1.27 3.84
N ALA D 166 13.34 -0.39 2.90
CA ALA D 166 14.28 -0.01 1.85
C ALA D 166 14.33 1.50 1.66
N ILE D 167 15.52 1.99 1.30
CA ILE D 167 15.69 3.41 0.96
C ILE D 167 16.14 3.50 -0.48
N GLN D 168 15.56 4.46 -1.22
CA GLN D 168 16.04 4.80 -2.53
C GLN D 168 16.55 6.24 -2.46
N VAL D 169 17.72 6.47 -3.06
CA VAL D 169 18.33 7.80 -3.04
C VAL D 169 18.45 8.27 -4.47
N LEU D 170 17.96 9.47 -4.73
CA LEU D 170 18.02 10.04 -6.07
C LEU D 170 18.66 11.43 -6.02
N PRO D 171 19.42 11.79 -7.08
CA PRO D 171 19.93 13.14 -7.30
C PRO D 171 18.80 14.13 -7.48
N LYS D 172 18.92 15.30 -6.85
CA LYS D 172 18.09 16.42 -7.22
C LYS D 172 19.06 17.53 -7.60
N THR D 173 18.55 18.64 -8.12
CA THR D 173 19.45 19.72 -8.57
C THR D 173 20.60 20.00 -7.59
N LYS D 174 20.25 20.25 -6.30
CA LYS D 174 21.29 20.28 -5.25
C LYS D 174 21.14 19.09 -4.30
N GLY D 175 22.14 18.20 -4.26
CA GLY D 175 22.11 17.07 -3.33
C GLY D 175 21.04 16.04 -3.64
N SER D 176 20.60 15.31 -2.61
CA SER D 176 19.75 14.13 -2.77
C SER D 176 18.39 14.20 -2.09
N VAL D 177 17.48 13.38 -2.61
CA VAL D 177 16.22 13.12 -1.99
C VAL D 177 16.29 11.65 -1.54
N PHE D 178 15.81 11.38 -0.34
CA PHE D 178 15.70 10.01 0.20
C PHE D 178 14.26 9.56 0.23
N TYR D 179 13.98 8.44 -0.44
CA TYR D 179 12.63 7.90 -0.49
C TYR D 179 12.65 6.58 0.31
N GLY D 180 11.68 6.39 1.20
CA GLY D 180 11.63 5.17 2.05
C GLY D 180 10.40 4.32 1.84
N SER D 181 10.51 3.02 2.07
CA SER D 181 9.33 2.21 2.06
C SER D 181 9.46 1.13 3.10
N THR D 182 8.45 1.04 3.95
CA THR D 182 8.28 -0.14 4.79
C THR D 182 7.42 -1.16 4.00
N ASP D 183 7.18 -2.33 4.56
CA ASP D 183 6.52 -3.39 3.83
C ASP D 183 5.15 -3.61 4.45
N PRO D 184 4.10 -3.61 3.63
CA PRO D 184 2.78 -3.95 4.16
C PRO D 184 2.65 -5.35 4.77
N ARG D 185 3.62 -6.25 4.52
CA ARG D 185 3.51 -7.65 4.91
C ARG D 185 3.74 -8.02 6.41
N LYS D 186 4.66 -7.36 7.09
CA LYS D 186 4.93 -7.64 8.53
C LYS D 186 5.05 -9.12 8.91
N GLU D 187 5.91 -9.85 8.19
CA GLU D 187 6.00 -11.30 8.40
C GLU D 187 6.25 -11.70 9.86
N PHE D 188 7.15 -10.96 10.52
CA PHE D 188 7.60 -11.29 11.89
C PHE D 188 7.29 -10.22 12.93
C1 AVN E . -20.07 13.30 -13.16
O1 AVN E . -20.93 13.91 -12.59
O2 AVN E . -20.16 12.16 -13.53
C2 AVN E . -18.81 14.03 -13.43
N1 AVN E . -19.12 15.44 -13.55
C3 AVN E . -18.02 13.87 -12.18
O3 AVN E . -17.65 12.56 -12.02
N2 AVN E . -16.53 12.51 -11.26
C4 AVN E . -15.95 13.61 -11.23
C5 AVN E . -16.68 14.55 -12.15
C1 AVN F . 19.16 -16.76 8.58
O1 AVN F . 20.13 -16.25 9.19
O2 AVN F . 19.22 -17.01 7.36
C2 AVN F . 17.91 -17.03 9.36
N1 AVN F . 18.29 -17.50 10.70
C3 AVN F . 17.30 -15.65 9.55
O3 AVN F . 16.85 -15.04 8.33
N2 AVN F . 15.78 -14.18 8.61
C4 AVN F . 15.36 -14.33 9.80
C5 AVN F . 16.05 -15.53 10.43
#